data_6T5P
#
_entry.id   6T5P
#
_cell.length_a   77.431
_cell.length_b   73.809
_cell.length_c   91.287
_cell.angle_alpha   90.000
_cell.angle_beta   108.950
_cell.angle_gamma   90.000
#
_symmetry.space_group_name_H-M   'P 1 21 1'
#
loop_
_entity.id
_entity.type
_entity.pdbx_description
1 polymer 'Carbonic anhydrase 12'
2 non-polymer 'ZINC ION'
3 non-polymer 3,5-di~{tert}-butylbenzenesulfonamide
4 non-polymer 1,2-ETHANEDIOL
5 water water
#
_entity_poly.entity_id   1
_entity_poly.type   'polypeptide(L)'
_entity_poly.pdbx_seq_one_letter_code
;MSKWTYFGPDGENSWSKKYPSCGGLLQSPIDLHSDILQYDASLTPLEFQGYNLSANKQFLLTNNGHSVKLNLPSDMHIQG
LQSRYSATQLHLHWGNPNDPHGSEHTVSGQHFAAELHIVHYNSDLYPDASTASNKSEGLAVLAVLIEMGSFNPSYDKIFS
HLQHVKYKGQEAFVPGFNIEELLPERTAEYYRYRGSLTTPPCNPTVLWTVFRNPVQISQEQLLALETALYCTHMDDPSPR
EMINNFRQVQKFDERLVYTSFSQ
;
_entity_poly.pdbx_strand_id   A,B,C,D
#
# COMPACT_ATOMS: atom_id res chain seq x y z
N LYS A 3 -23.03 26.16 -6.45
CA LYS A 3 -21.58 25.87 -6.65
C LYS A 3 -21.28 24.45 -6.16
N TRP A 4 -21.55 24.23 -4.85
CA TRP A 4 -21.71 22.93 -4.23
C TRP A 4 -22.51 23.08 -2.93
N THR A 5 -23.15 21.99 -2.54
CA THR A 5 -23.96 21.94 -1.33
C THR A 5 -23.87 20.57 -0.64
N TYR A 6 -24.51 20.42 0.52
CA TYR A 6 -24.57 19.14 1.21
C TYR A 6 -25.88 18.44 0.96
N PHE A 7 -26.75 19.05 0.13
CA PHE A 7 -28.06 18.46 -0.08
C PHE A 7 -28.40 18.63 -1.56
N GLY A 8 -29.31 17.80 -2.09
CA GLY A 8 -29.99 18.05 -3.37
C GLY A 8 -29.02 17.87 -4.55
N PRO A 9 -29.41 18.23 -5.79
CA PRO A 9 -28.61 17.93 -6.98
C PRO A 9 -27.12 18.28 -6.93
N ASP A 10 -26.70 19.18 -6.03
CA ASP A 10 -25.33 19.65 -6.02
C ASP A 10 -24.59 19.14 -4.79
N GLY A 11 -25.19 18.08 -4.19
CA GLY A 11 -24.74 17.39 -2.96
C GLY A 11 -23.50 16.52 -3.22
N GLU A 12 -23.04 15.83 -2.15
CA GLU A 12 -21.71 15.26 -2.16
C GLU A 12 -21.47 14.24 -3.28
N ASN A 13 -22.50 13.49 -3.71
CA ASN A 13 -22.23 12.52 -4.76
C ASN A 13 -21.92 13.18 -6.12
N SER A 14 -22.28 14.48 -6.25
CA SER A 14 -22.04 15.24 -7.47
C SER A 14 -20.80 16.14 -7.39
N TRP A 15 -20.14 16.28 -6.22
CA TRP A 15 -18.96 17.13 -6.14
C TRP A 15 -17.92 16.83 -7.21
N SER A 16 -17.72 15.57 -7.56
CA SER A 16 -16.62 15.17 -8.42
C SER A 16 -16.81 15.65 -9.85
N LYS A 17 -18.02 16.09 -10.17
CA LYS A 17 -18.18 16.65 -11.52
C LYS A 17 -17.34 17.90 -11.71
N LYS A 18 -17.44 18.84 -10.77
CA LYS A 18 -16.67 20.06 -10.89
C LYS A 18 -15.30 19.97 -10.21
N TYR A 19 -15.17 19.08 -9.22
CA TYR A 19 -14.00 19.01 -8.37
C TYR A 19 -13.48 17.58 -8.40
N PRO A 20 -12.64 17.24 -9.38
CA PRO A 20 -12.30 15.85 -9.67
C PRO A 20 -11.66 15.13 -8.48
N SER A 21 -10.92 15.85 -7.63
CA SER A 21 -10.29 15.18 -6.51
C SER A 21 -11.33 14.60 -5.56
N CYS A 22 -12.59 15.04 -5.57
CA CYS A 22 -13.61 14.45 -4.71
C CYS A 22 -13.89 13.00 -5.06
N GLY A 23 -13.47 12.59 -6.25
CA GLY A 23 -13.58 11.21 -6.71
C GLY A 23 -12.26 10.47 -6.78
N GLY A 24 -11.20 11.06 -6.26
CA GLY A 24 -9.87 10.49 -6.28
C GLY A 24 -9.45 9.74 -5.03
N LEU A 25 -8.15 9.68 -4.84
CA LEU A 25 -7.62 8.94 -3.72
C LEU A 25 -7.60 9.77 -2.44
N LEU A 26 -7.39 9.01 -1.34
CA LEU A 26 -7.05 9.52 -0.02
C LEU A 26 -8.21 10.35 0.57
N GLN A 27 -9.46 10.04 0.24
CA GLN A 27 -10.56 10.90 0.68
C GLN A 27 -10.96 10.68 2.13
N SER A 28 -11.30 11.81 2.78
CA SER A 28 -11.77 11.87 4.15
C SER A 28 -13.23 12.33 4.16
N PRO A 29 -14.00 12.17 5.23
CA PRO A 29 -13.57 11.53 6.46
C PRO A 29 -13.71 10.01 6.37
N ILE A 30 -13.34 9.34 7.46
CA ILE A 30 -13.32 7.88 7.54
C ILE A 30 -13.81 7.43 8.92
N ASP A 31 -14.14 6.14 8.99
CA ASP A 31 -14.46 5.51 10.24
C ASP A 31 -13.17 5.03 10.88
N LEU A 32 -12.98 5.41 12.13
CA LEU A 32 -11.85 5.02 12.96
C LEU A 32 -12.25 3.80 13.81
N HIS A 33 -11.74 2.61 13.48
CA HIS A 33 -12.19 1.40 14.17
C HIS A 33 -10.98 0.52 14.47
N SER A 34 -11.09 -0.44 15.41
CA SER A 34 -9.89 -1.01 16.03
C SER A 34 -8.97 -1.72 15.05
N ASP A 35 -9.59 -2.38 14.05
CA ASP A 35 -8.95 -3.24 13.05
C ASP A 35 -7.89 -2.50 12.24
N ILE A 36 -8.07 -1.17 12.09
CA ILE A 36 -7.17 -0.43 11.24
C ILE A 36 -6.30 0.49 12.09
N LEU A 37 -6.38 0.38 13.41
CA LEU A 37 -5.55 1.25 14.23
C LEU A 37 -4.19 0.61 14.49
N GLN A 38 -3.14 1.43 14.50
CA GLN A 38 -1.83 0.88 14.87
C GLN A 38 -1.05 1.92 15.68
N TYR A 39 -0.56 1.53 16.88
CA TYR A 39 0.23 2.41 17.70
C TYR A 39 1.52 2.78 16.96
N ASP A 40 1.88 4.05 17.04
CA ASP A 40 3.11 4.54 16.48
C ASP A 40 3.76 5.45 17.53
N ALA A 41 4.94 5.01 18.00
CA ALA A 41 5.68 5.70 19.05
C ALA A 41 6.21 7.05 18.58
N SER A 42 6.23 7.29 17.27
CA SER A 42 6.70 8.56 16.74
C SER A 42 5.68 9.67 16.96
N LEU A 43 4.49 9.29 17.42
CA LEU A 43 3.43 10.29 17.54
C LEU A 43 3.48 10.98 18.89
N THR A 44 4.44 11.90 18.99
CA THR A 44 4.64 12.70 20.17
C THR A 44 3.61 13.84 20.29
N PRO A 45 3.48 14.47 21.46
CA PRO A 45 2.51 15.55 21.68
C PRO A 45 2.79 16.76 20.81
N LEU A 46 1.74 17.29 20.21
CA LEU A 46 1.87 18.58 19.53
C LEU A 46 1.86 19.68 20.58
N GLU A 47 2.43 20.83 20.19
CA GLU A 47 2.36 22.04 20.98
C GLU A 47 1.61 23.10 20.19
N PHE A 48 0.71 23.78 20.87
CA PHE A 48 -0.15 24.75 20.25
C PHE A 48 0.34 26.13 20.63
N GLN A 49 1.00 26.77 19.67
CA GLN A 49 1.75 28.00 19.93
C GLN A 49 1.00 29.18 19.33
N GLY A 50 0.89 30.26 20.12
CA GLY A 50 0.17 31.40 19.64
C GLY A 50 -1.36 31.25 19.63
N TYR A 51 -1.86 30.24 20.37
CA TYR A 51 -3.28 29.97 20.40
C TYR A 51 -4.00 30.89 21.37
N ASN A 52 -3.25 31.52 22.28
CA ASN A 52 -3.92 32.40 23.23
C ASN A 52 -4.06 33.77 22.59
N LEU A 53 -5.13 33.96 21.82
CA LEU A 53 -5.24 35.14 20.97
C LEU A 53 -5.47 36.37 21.84
N SER A 54 -4.76 37.43 21.46
CA SER A 54 -4.87 38.68 22.19
C SER A 54 -6.34 39.08 22.29
N ALA A 55 -6.87 39.28 23.50
CA ALA A 55 -8.24 39.76 23.57
C ALA A 55 -8.33 41.23 23.12
N ASN A 56 -7.19 41.83 22.75
CA ASN A 56 -7.17 43.19 22.21
C ASN A 56 -7.31 43.18 20.68
N LYS A 57 -7.22 42.00 20.06
CA LYS A 57 -7.36 41.85 18.62
C LYS A 57 -8.72 41.22 18.35
N GLN A 58 -9.26 41.43 17.15
CA GLN A 58 -10.54 40.80 16.80
C GLN A 58 -10.43 39.97 15.54
N PHE A 59 -11.25 38.92 15.46
CA PHE A 59 -11.14 37.89 14.44
C PHE A 59 -12.51 37.71 13.79
N LEU A 60 -12.53 37.67 12.45
CA LEU A 60 -13.75 37.68 11.65
C LEU A 60 -14.42 36.30 11.66
N LEU A 61 -15.66 36.28 12.11
CA LEU A 61 -16.58 35.14 12.01
C LEU A 61 -17.43 35.33 10.75
N THR A 62 -17.52 34.30 9.88
CA THR A 62 -18.31 34.44 8.66
C THR A 62 -19.26 33.25 8.53
N ASN A 63 -20.44 33.48 8.01
CA ASN A 63 -21.27 32.40 7.53
C ASN A 63 -21.07 32.37 6.03
N ASN A 64 -20.45 31.29 5.53
CA ASN A 64 -20.15 31.25 4.09
C ASN A 64 -21.11 30.34 3.33
N GLY A 65 -22.22 29.97 3.96
CA GLY A 65 -23.22 29.15 3.31
C GLY A 65 -22.95 27.66 3.48
N HIS A 66 -21.72 27.26 3.90
CA HIS A 66 -21.39 25.87 4.14
C HIS A 66 -21.18 25.55 5.62
N SER A 67 -20.61 26.51 6.37
CA SER A 67 -20.38 26.35 7.80
C SER A 67 -20.24 27.76 8.35
N VAL A 68 -19.98 27.83 9.64
CA VAL A 68 -19.55 29.09 10.21
C VAL A 68 -18.05 28.97 10.45
N LYS A 69 -17.31 30.01 10.04
CA LYS A 69 -15.86 29.96 10.07
C LYS A 69 -15.32 31.18 10.79
N LEU A 70 -14.37 30.92 11.68
CA LEU A 70 -13.60 31.98 12.32
C LEU A 70 -12.21 32.08 11.68
N ASN A 71 -11.82 33.29 11.20
N ASN A 71 -11.83 33.28 11.22
CA ASN A 71 -10.52 33.44 10.59
CA ASN A 71 -10.50 33.50 10.67
C ASN A 71 -9.48 33.58 11.69
C ASN A 71 -9.51 33.45 11.82
N LEU A 72 -8.33 32.92 11.52
CA LEU A 72 -7.31 32.81 12.56
C LEU A 72 -6.05 33.47 12.04
N PRO A 73 -5.18 34.02 12.92
CA PRO A 73 -3.92 34.61 12.47
C PRO A 73 -2.79 33.60 12.25
N SER A 74 -1.91 33.89 11.30
CA SER A 74 -0.84 32.95 10.96
C SER A 74 0.23 32.88 12.05
N ASP A 75 0.21 33.80 13.05
CA ASP A 75 1.20 33.56 14.11
C ASP A 75 0.76 32.43 15.04
N MET A 76 -0.45 31.90 14.80
CA MET A 76 -0.93 30.74 15.53
C MET A 76 -0.46 29.50 14.78
N HIS A 77 0.24 28.60 15.47
CA HIS A 77 0.73 27.43 14.75
C HIS A 77 0.90 26.18 15.60
N ILE A 78 1.04 25.07 14.89
CA ILE A 78 1.32 23.78 15.49
C ILE A 78 2.82 23.61 15.46
N GLN A 79 3.39 23.28 16.64
CA GLN A 79 4.77 22.85 16.72
C GLN A 79 4.74 21.33 16.99
N GLY A 80 5.65 20.60 16.35
CA GLY A 80 5.82 19.17 16.58
C GLY A 80 5.77 18.35 15.30
N LEU A 81 5.25 18.95 14.22
CA LEU A 81 5.32 18.30 12.92
C LEU A 81 6.63 18.72 12.25
N GLN A 82 6.91 18.14 11.09
CA GLN A 82 8.24 18.32 10.50
C GLN A 82 8.40 19.77 10.01
N SER A 83 7.31 20.33 9.46
CA SER A 83 7.23 21.74 9.12
C SER A 83 6.36 22.44 10.15
N ARG A 84 6.49 23.78 10.24
CA ARG A 84 5.51 24.55 10.99
C ARG A 84 4.24 24.67 10.16
N TYR A 85 3.08 24.38 10.80
CA TYR A 85 1.80 24.63 10.16
C TYR A 85 1.08 25.74 10.88
N SER A 86 0.72 26.77 10.14
CA SER A 86 0.14 28.00 10.65
C SER A 86 -1.37 27.96 10.48
N ALA A 87 -2.11 28.50 11.46
CA ALA A 87 -3.55 28.48 11.40
C ALA A 87 -4.09 29.41 10.31
N THR A 88 -5.22 29.00 9.73
CA THR A 88 -5.95 29.85 8.80
C THR A 88 -7.40 30.07 9.23
N GLN A 89 -8.12 29.04 9.69
N GLN A 89 -8.07 29.03 9.75
CA GLN A 89 -9.49 29.24 10.11
CA GLN A 89 -9.45 29.19 10.19
C GLN A 89 -9.97 27.98 10.82
C GLN A 89 -9.84 27.98 11.02
N LEU A 90 -10.97 28.17 11.69
CA LEU A 90 -11.69 27.04 12.27
C LEU A 90 -13.13 27.09 11.88
N HIS A 91 -13.79 25.92 11.93
CA HIS A 91 -15.19 25.79 11.58
C HIS A 91 -15.76 24.49 12.11
N LEU A 92 -17.10 24.32 12.00
CA LEU A 92 -17.75 23.15 12.56
C LEU A 92 -18.62 22.43 11.55
N HIS A 93 -18.95 21.20 11.90
CA HIS A 93 -19.88 20.36 11.13
C HIS A 93 -20.88 19.78 12.13
N TRP A 94 -22.16 19.68 11.74
CA TRP A 94 -23.16 19.16 12.66
C TRP A 94 -24.31 18.52 11.90
N GLY A 95 -25.25 17.96 12.68
CA GLY A 95 -26.40 17.27 12.12
C GLY A 95 -27.64 18.16 12.09
N ASN A 96 -28.69 17.66 12.76
CA ASN A 96 -29.94 18.42 12.82
C ASN A 96 -30.68 17.98 14.08
N PRO A 97 -31.67 18.75 14.58
CA PRO A 97 -32.31 18.40 15.84
C PRO A 97 -33.01 17.04 15.84
N ASN A 98 -33.50 16.59 14.70
CA ASN A 98 -34.13 15.27 14.64
C ASN A 98 -33.11 14.12 14.65
N ASP A 99 -31.85 14.41 14.27
CA ASP A 99 -30.81 13.40 14.19
C ASP A 99 -29.47 14.07 14.52
N PRO A 100 -29.20 14.37 15.80
CA PRO A 100 -28.13 15.29 16.20
C PRO A 100 -26.79 14.56 16.28
N HIS A 101 -26.43 14.00 15.14
CA HIS A 101 -25.19 13.21 15.10
C HIS A 101 -24.42 13.47 13.82
N GLY A 102 -23.79 14.63 13.76
CA GLY A 102 -23.24 15.10 12.49
C GLY A 102 -21.72 15.33 12.50
N SER A 103 -20.97 14.58 13.31
CA SER A 103 -19.53 14.59 13.09
C SER A 103 -19.21 14.06 11.69
N GLU A 104 -18.01 14.39 11.23
CA GLU A 104 -17.53 13.82 9.97
C GLU A 104 -16.86 12.49 10.21
N HIS A 105 -15.81 12.47 11.03
CA HIS A 105 -15.23 11.20 11.41
C HIS A 105 -16.20 10.43 12.31
N THR A 106 -16.16 9.11 12.21
CA THR A 106 -16.89 8.23 13.11
C THR A 106 -15.88 7.38 13.89
N VAL A 107 -16.33 6.83 15.05
CA VAL A 107 -15.49 5.95 15.85
C VAL A 107 -16.29 4.66 16.05
N SER A 108 -15.74 3.53 15.58
CA SER A 108 -16.39 2.23 15.66
C SER A 108 -17.81 2.35 15.09
N GLY A 109 -17.96 3.13 14.00
CA GLY A 109 -19.20 3.26 13.25
C GLY A 109 -20.16 4.35 13.76
N GLN A 110 -19.81 4.98 14.88
CA GLN A 110 -20.69 5.93 15.54
C GLN A 110 -20.29 7.39 15.28
N HIS A 111 -21.29 8.19 14.92
CA HIS A 111 -21.13 9.62 14.82
C HIS A 111 -21.16 10.24 16.19
N PHE A 112 -20.33 11.25 16.37
CA PHE A 112 -20.51 12.20 17.47
C PHE A 112 -21.51 13.26 17.07
N ALA A 113 -21.85 14.13 18.04
CA ALA A 113 -22.85 15.13 17.75
C ALA A 113 -22.38 16.13 16.68
N ALA A 114 -21.12 16.53 16.79
CA ALA A 114 -20.57 17.55 15.90
C ALA A 114 -19.05 17.37 15.87
N GLU A 115 -18.42 18.19 15.04
CA GLU A 115 -16.96 18.12 14.95
C GLU A 115 -16.43 19.51 14.62
N LEU A 116 -15.33 19.92 15.29
CA LEU A 116 -14.63 21.19 15.05
C LEU A 116 -13.36 20.87 14.30
N HIS A 117 -13.07 21.67 13.25
CA HIS A 117 -11.81 21.52 12.54
C HIS A 117 -11.02 22.82 12.64
N ILE A 118 -9.75 22.73 13.03
CA ILE A 118 -8.84 23.89 13.01
C ILE A 118 -7.85 23.64 11.89
N VAL A 119 -8.00 24.41 10.81
CA VAL A 119 -7.24 24.20 9.58
C VAL A 119 -5.93 25.00 9.64
N HIS A 120 -4.85 24.33 9.28
CA HIS A 120 -3.52 24.98 9.24
C HIS A 120 -2.88 24.68 7.89
N TYR A 121 -1.90 25.50 7.49
CA TYR A 121 -1.19 25.25 6.24
C TYR A 121 0.31 25.28 6.49
N ASN A 122 1.07 24.66 5.56
CA ASN A 122 2.51 24.56 5.72
C ASN A 122 3.11 25.91 5.32
N SER A 123 3.43 26.69 6.34
CA SER A 123 3.89 28.05 6.10
C SER A 123 5.40 28.08 5.86
N ASP A 124 6.09 26.97 6.18
CA ASP A 124 7.52 26.81 5.87
C ASP A 124 7.68 26.68 4.35
N LEU A 125 6.74 26.01 3.69
CA LEU A 125 6.89 25.70 2.26
C LEU A 125 6.10 26.66 1.38
N TYR A 126 4.98 27.23 1.91
CA TYR A 126 3.99 27.98 1.13
C TYR A 126 3.58 29.28 1.78
N PRO A 127 3.23 30.31 0.96
CA PRO A 127 2.92 31.65 1.47
C PRO A 127 1.55 31.86 2.11
N ASP A 128 0.59 31.02 1.74
CA ASP A 128 -0.75 31.16 2.30
C ASP A 128 -1.50 29.84 2.14
N ALA A 129 -2.67 29.77 2.76
CA ALA A 129 -3.42 28.53 2.76
C ALA A 129 -3.97 28.20 1.38
N SER A 130 -4.36 29.21 0.59
N SER A 130 -4.37 29.22 0.62
CA SER A 130 -4.90 28.89 -0.73
CA SER A 130 -4.87 28.99 -0.74
C SER A 130 -3.83 28.26 -1.63
C SER A 130 -3.84 28.27 -1.59
N THR A 131 -2.60 28.78 -1.58
CA THR A 131 -1.53 28.22 -2.38
C THR A 131 -1.20 26.82 -1.86
N ALA A 132 -1.18 26.63 -0.52
CA ALA A 132 -0.80 25.32 -0.02
C ALA A 132 -1.83 24.21 -0.30
N SER A 133 -3.09 24.55 -0.54
CA SER A 133 -4.16 23.58 -0.41
C SER A 133 -4.06 22.44 -1.41
N ASN A 134 -3.46 22.68 -2.59
CA ASN A 134 -3.30 21.66 -3.62
C ASN A 134 -1.86 21.16 -3.76
N LYS A 135 -1.03 21.34 -2.72
CA LYS A 135 0.35 20.94 -2.78
C LYS A 135 0.70 19.88 -1.76
N SER A 136 1.80 19.22 -2.05
CA SER A 136 2.39 18.20 -1.19
C SER A 136 2.65 18.75 0.22
N GLU A 137 2.24 17.98 1.23
CA GLU A 137 2.44 18.38 2.63
C GLU A 137 1.75 19.71 2.93
N GLY A 138 0.68 20.05 2.21
CA GLY A 138 0.21 21.41 2.27
C GLY A 138 -0.57 21.78 3.53
N LEU A 139 -1.44 20.89 4.03
CA LEU A 139 -2.38 21.28 5.08
C LEU A 139 -2.29 20.31 6.26
N ALA A 140 -2.67 20.78 7.46
CA ALA A 140 -2.80 19.94 8.63
C ALA A 140 -4.06 20.40 9.32
N VAL A 141 -4.95 19.45 9.63
CA VAL A 141 -6.21 19.80 10.31
C VAL A 141 -6.27 19.11 11.66
N LEU A 142 -6.65 19.87 12.68
CA LEU A 142 -6.95 19.29 13.97
C LEU A 142 -8.47 19.11 14.03
N ALA A 143 -8.88 17.91 14.47
CA ALA A 143 -10.31 17.63 14.60
C ALA A 143 -10.66 17.26 16.04
N VAL A 144 -11.68 17.97 16.53
CA VAL A 144 -12.21 17.67 17.85
C VAL A 144 -13.63 17.14 17.73
N LEU A 145 -13.86 15.96 18.30
CA LEU A 145 -15.20 15.39 18.33
C LEU A 145 -15.99 16.04 19.47
N ILE A 146 -17.25 16.34 19.21
CA ILE A 146 -18.09 17.00 20.21
C ILE A 146 -19.29 16.14 20.58
N GLU A 147 -19.49 15.98 21.89
CA GLU A 147 -20.67 15.26 22.36
C GLU A 147 -21.48 16.14 23.28
N MET A 148 -22.75 15.79 23.47
CA MET A 148 -23.58 16.56 24.38
C MET A 148 -23.23 16.21 25.83
N GLY A 149 -23.23 17.22 26.72
CA GLY A 149 -22.89 17.02 28.12
C GLY A 149 -23.04 18.32 28.89
N SER A 150 -22.03 18.67 29.67
CA SER A 150 -22.15 19.93 30.38
C SER A 150 -21.85 21.16 29.51
N PHE A 151 -22.42 22.28 29.89
CA PHE A 151 -22.21 23.58 29.27
C PHE A 151 -20.72 23.88 29.16
N ASN A 152 -20.32 24.39 27.97
CA ASN A 152 -18.92 24.68 27.73
C ASN A 152 -18.75 26.18 27.53
N PRO A 153 -18.24 26.91 28.55
CA PRO A 153 -18.02 28.34 28.35
C PRO A 153 -17.10 28.68 27.17
N SER A 154 -16.14 27.80 26.86
CA SER A 154 -15.20 28.23 25.85
C SER A 154 -15.86 28.18 24.48
N TYR A 155 -16.65 27.11 24.22
CA TYR A 155 -17.32 27.08 22.92
C TYR A 155 -18.35 28.21 22.83
N ASP A 156 -18.80 28.71 23.99
CA ASP A 156 -19.74 29.80 23.95
C ASP A 156 -19.09 31.10 23.50
N LYS A 157 -17.76 31.20 23.53
CA LYS A 157 -17.06 32.37 23.00
C LYS A 157 -17.29 32.48 21.49
N ILE A 158 -17.57 31.35 20.85
CA ILE A 158 -17.96 31.40 19.44
C ILE A 158 -19.48 31.46 19.34
N PHE A 159 -20.16 30.54 20.01
CA PHE A 159 -21.58 30.36 19.77
C PHE A 159 -22.40 31.61 20.11
N SER A 160 -21.94 32.40 21.09
CA SER A 160 -22.71 33.58 21.48
C SER A 160 -22.85 34.58 20.34
N HIS A 161 -22.02 34.43 19.29
CA HIS A 161 -22.07 35.35 18.17
C HIS A 161 -22.88 34.80 16.99
N LEU A 162 -23.42 33.56 17.07
CA LEU A 162 -24.07 33.00 15.88
C LEU A 162 -25.22 33.86 15.36
N GLN A 163 -25.98 34.52 16.24
CA GLN A 163 -27.15 35.20 15.73
C GLN A 163 -26.74 36.29 14.74
N HIS A 164 -25.52 36.82 14.86
CA HIS A 164 -25.06 37.91 14.00
C HIS A 164 -24.58 37.41 12.65
N VAL A 165 -24.39 36.07 12.50
CA VAL A 165 -24.01 35.52 11.20
C VAL A 165 -25.04 34.51 10.72
N LYS A 166 -26.33 34.77 11.02
CA LYS A 166 -27.43 33.93 10.60
C LYS A 166 -27.41 33.56 9.10
N TYR A 167 -27.18 34.54 8.19
CA TYR A 167 -27.36 34.28 6.77
C TYR A 167 -26.04 34.33 6.03
N LYS A 168 -26.06 33.72 4.86
CA LYS A 168 -24.85 33.64 4.07
C LYS A 168 -24.33 35.06 3.78
N GLY A 169 -23.04 35.26 3.99
CA GLY A 169 -22.41 36.52 3.62
C GLY A 169 -22.31 37.44 4.82
N GLN A 170 -23.00 37.09 5.91
CA GLN A 170 -22.90 37.92 7.09
C GLN A 170 -21.62 37.63 7.88
N GLU A 171 -21.14 38.61 8.66
N GLU A 171 -21.15 38.63 8.63
CA GLU A 171 -19.83 38.61 9.31
CA GLU A 171 -19.93 38.55 9.40
C GLU A 171 -19.91 39.31 10.67
C GLU A 171 -20.12 39.15 10.79
N ALA A 172 -19.19 38.77 11.67
CA ALA A 172 -19.11 39.34 13.01
C ALA A 172 -17.66 39.32 13.46
N PHE A 173 -17.33 40.20 14.40
CA PHE A 173 -16.01 40.22 14.98
C PHE A 173 -16.02 39.51 16.32
N VAL A 174 -15.01 38.65 16.54
CA VAL A 174 -14.87 37.90 17.77
C VAL A 174 -13.58 38.33 18.46
N PRO A 175 -13.65 38.79 19.74
CA PRO A 175 -12.44 39.16 20.47
C PRO A 175 -11.59 37.92 20.75
N GLY A 176 -10.26 38.06 20.64
CA GLY A 176 -9.31 37.01 20.91
C GLY A 176 -9.60 36.29 22.23
N PHE A 177 -9.64 34.96 22.16
CA PHE A 177 -9.61 34.08 23.32
C PHE A 177 -8.65 32.92 23.05
N ASN A 178 -8.43 32.10 24.10
CA ASN A 178 -7.47 31.01 24.02
C ASN A 178 -8.11 29.84 23.28
N ILE A 179 -7.71 29.67 22.03
CA ILE A 179 -8.31 28.63 21.19
C ILE A 179 -8.01 27.25 21.79
N GLU A 180 -6.94 27.12 22.57
CA GLU A 180 -6.63 25.83 23.16
C GLU A 180 -7.78 25.35 24.07
N GLU A 181 -8.60 26.29 24.56
CA GLU A 181 -9.74 25.92 25.40
C GLU A 181 -10.76 25.05 24.64
N LEU A 182 -10.68 25.06 23.30
CA LEU A 182 -11.62 24.28 22.51
C LEU A 182 -11.15 22.84 22.36
N LEU A 183 -9.90 22.54 22.73
CA LEU A 183 -9.34 21.23 22.57
C LEU A 183 -9.71 20.39 23.78
N PRO A 184 -9.78 19.07 23.62
CA PRO A 184 -10.21 18.16 24.68
C PRO A 184 -9.06 17.88 25.63
N GLU A 185 -9.45 17.11 26.66
CA GLU A 185 -8.52 16.51 27.60
C GLU A 185 -7.52 15.62 26.89
N ARG A 186 -6.26 15.65 27.38
CA ARG A 186 -5.26 14.71 26.95
C ARG A 186 -5.07 14.76 25.44
N THR A 187 -4.68 15.94 25.00
CA THR A 187 -4.46 16.10 23.56
C THR A 187 -3.26 15.26 23.09
N ALA A 188 -2.44 14.70 23.99
CA ALA A 188 -1.40 13.75 23.58
C ALA A 188 -1.97 12.48 22.93
N GLU A 189 -3.30 12.19 23.13
CA GLU A 189 -3.96 10.99 22.63
C GLU A 189 -4.73 11.36 21.36
N TYR A 190 -4.24 10.86 20.20
CA TYR A 190 -4.87 11.18 18.93
C TYR A 190 -4.68 10.09 17.87
N TYR A 191 -5.53 10.17 16.85
CA TYR A 191 -5.42 9.39 15.64
C TYR A 191 -4.77 10.24 14.57
N ARG A 192 -3.95 9.61 13.74
CA ARG A 192 -3.28 10.40 12.69
C ARG A 192 -3.32 9.63 11.38
N TYR A 193 -3.67 10.31 10.29
CA TYR A 193 -3.64 9.66 8.99
C TYR A 193 -3.51 10.73 7.90
N ARG A 194 -3.06 10.33 6.72
CA ARG A 194 -3.06 11.25 5.59
C ARG A 194 -4.34 11.09 4.81
N GLY A 195 -5.01 12.23 4.59
CA GLY A 195 -6.27 12.21 3.89
C GLY A 195 -6.49 13.49 3.09
N SER A 196 -7.75 13.94 3.13
CA SER A 196 -8.12 15.00 2.18
C SER A 196 -8.93 16.09 2.91
N LEU A 197 -9.12 17.19 2.21
CA LEU A 197 -10.21 18.09 2.60
C LEU A 197 -11.52 17.33 2.51
N THR A 198 -12.49 17.65 3.38
CA THR A 198 -13.79 16.98 3.35
C THR A 198 -14.84 17.78 2.59
N THR A 199 -14.40 18.90 1.98
CA THR A 199 -15.23 19.76 1.18
C THR A 199 -14.46 20.01 -0.11
N PRO A 200 -15.21 20.34 -1.20
CA PRO A 200 -14.55 20.69 -2.45
C PRO A 200 -13.50 21.77 -2.21
N PRO A 201 -12.33 21.67 -2.84
CA PRO A 201 -12.02 20.71 -3.91
C PRO A 201 -11.54 19.31 -3.52
N CYS A 202 -11.58 18.97 -2.22
CA CYS A 202 -11.26 17.61 -1.73
C CYS A 202 -9.82 17.22 -1.96
N ASN A 203 -8.91 18.20 -1.99
CA ASN A 203 -7.52 17.90 -2.30
C ASN A 203 -6.98 16.91 -1.28
N PRO A 204 -6.23 15.89 -1.73
CA PRO A 204 -5.67 14.87 -0.82
C PRO A 204 -4.35 15.33 -0.22
N THR A 205 -4.42 16.47 0.49
CA THR A 205 -3.18 17.09 0.96
C THR A 205 -3.24 17.40 2.47
N VAL A 206 -4.13 16.71 3.23
CA VAL A 206 -4.29 16.98 4.64
C VAL A 206 -3.68 15.90 5.50
N LEU A 207 -2.89 16.35 6.48
CA LEU A 207 -2.42 15.50 7.55
C LEU A 207 -3.42 15.67 8.70
N TRP A 208 -4.22 14.62 8.95
CA TRP A 208 -5.28 14.70 9.97
C TRP A 208 -4.77 14.30 11.34
N THR A 209 -5.20 15.06 12.33
CA THR A 209 -5.01 14.69 13.72
C THR A 209 -6.40 14.78 14.35
N VAL A 210 -6.96 13.62 14.71
CA VAL A 210 -8.27 13.58 15.35
C VAL A 210 -8.02 13.21 16.82
N PHE A 211 -8.34 14.13 17.74
CA PHE A 211 -8.12 13.79 19.15
C PHE A 211 -9.00 12.64 19.59
N ARG A 212 -8.39 11.79 20.43
CA ARG A 212 -9.11 10.61 20.91
C ARG A 212 -10.33 10.97 21.76
N ASN A 213 -10.20 12.03 22.59
CA ASN A 213 -11.24 12.30 23.58
C ASN A 213 -12.14 13.43 23.08
N PRO A 214 -13.49 13.30 23.23
CA PRO A 214 -14.39 14.34 22.79
C PRO A 214 -14.43 15.46 23.82
N VAL A 215 -14.95 16.58 23.38
CA VAL A 215 -15.35 17.64 24.32
C VAL A 215 -16.87 17.56 24.48
N GLN A 216 -17.36 18.30 25.49
N GLN A 216 -17.41 18.18 25.53
CA GLN A 216 -18.79 18.40 25.76
CA GLN A 216 -18.84 18.15 25.76
C GLN A 216 -19.28 19.81 25.51
C GLN A 216 -19.37 19.58 25.72
N ILE A 217 -20.51 19.85 25.03
CA ILE A 217 -21.27 21.10 25.05
C ILE A 217 -22.70 20.80 25.51
N SER A 218 -23.43 21.81 26.00
CA SER A 218 -24.75 21.47 26.48
C SER A 218 -25.73 21.18 25.36
N GLN A 219 -26.86 20.55 25.75
CA GLN A 219 -27.99 20.37 24.85
C GLN A 219 -28.39 21.69 24.19
N GLU A 220 -28.46 22.77 24.98
CA GLU A 220 -28.87 24.04 24.44
C GLU A 220 -27.82 24.58 23.47
N GLN A 221 -26.52 24.38 23.78
CA GLN A 221 -25.49 24.87 22.87
C GLN A 221 -25.58 24.12 21.53
N LEU A 222 -25.80 22.83 21.63
CA LEU A 222 -25.84 22.05 20.39
C LEU A 222 -27.06 22.44 19.57
N LEU A 223 -28.19 22.66 20.27
CA LEU A 223 -29.37 23.08 19.54
C LEU A 223 -29.17 24.45 18.90
N ALA A 224 -28.50 25.40 19.57
CA ALA A 224 -28.22 26.68 18.95
C ALA A 224 -27.41 26.50 17.66
N LEU A 225 -26.36 25.70 17.72
CA LEU A 225 -25.55 25.56 16.53
C LEU A 225 -26.41 24.98 15.41
N GLU A 226 -27.29 24.03 15.74
CA GLU A 226 -28.06 23.38 14.70
C GLU A 226 -29.15 24.25 14.09
N THR A 227 -29.59 25.29 14.82
CA THR A 227 -30.79 26.04 14.45
C THR A 227 -30.48 27.51 14.14
N ALA A 228 -29.29 28.00 14.44
CA ALA A 228 -29.02 29.43 14.33
C ALA A 228 -28.80 29.87 12.89
N LEU A 229 -28.39 28.96 11.97
CA LEU A 229 -27.83 29.44 10.71
C LEU A 229 -28.59 28.92 9.52
N TYR A 230 -28.59 29.75 8.48
CA TYR A 230 -29.07 29.41 7.14
C TYR A 230 -27.92 29.37 6.12
N CYS A 231 -28.13 28.62 5.01
N CYS A 231 -28.14 28.61 5.04
CA CYS A 231 -27.16 28.50 3.93
CA CYS A 231 -27.16 28.48 3.98
C CYS A 231 -27.36 29.62 2.93
C CYS A 231 -27.56 29.37 2.80
N THR A 232 -28.55 30.23 3.03
CA THR A 232 -29.03 31.17 2.04
C THR A 232 -28.81 32.63 2.46
N HIS A 233 -28.79 33.50 1.43
CA HIS A 233 -28.74 34.94 1.64
C HIS A 233 -30.03 35.40 2.30
N MET A 234 -29.94 36.52 3.01
CA MET A 234 -31.06 37.02 3.80
C MET A 234 -32.28 37.26 2.91
N ASP A 235 -32.03 37.73 1.68
CA ASP A 235 -33.12 38.11 0.79
C ASP A 235 -33.49 36.96 -0.14
N ASP A 236 -33.12 35.72 0.23
CA ASP A 236 -33.49 34.56 -0.57
C ASP A 236 -34.93 34.18 -0.28
N PRO A 237 -35.80 34.09 -1.32
CA PRO A 237 -37.21 33.79 -1.12
C PRO A 237 -37.49 32.32 -0.77
N SER A 238 -36.46 31.47 -0.85
CA SER A 238 -36.60 30.09 -0.41
C SER A 238 -35.45 29.72 0.53
N PRO A 239 -35.50 30.17 1.81
CA PRO A 239 -34.40 29.94 2.76
C PRO A 239 -34.18 28.44 3.02
N ARG A 240 -32.91 28.07 3.20
CA ARG A 240 -32.50 26.73 3.59
C ARG A 240 -31.72 26.80 4.89
N GLU A 241 -32.11 25.96 5.83
CA GLU A 241 -31.39 25.82 7.09
C GLU A 241 -30.01 25.24 6.82
N MET A 242 -29.00 25.71 7.59
CA MET A 242 -27.69 25.09 7.56
C MET A 242 -27.65 23.95 8.59
N ILE A 243 -27.84 22.72 8.10
CA ILE A 243 -27.91 21.50 8.90
C ILE A 243 -27.25 20.37 8.09
N ASN A 244 -26.81 19.31 8.78
CA ASN A 244 -26.31 18.13 8.09
C ASN A 244 -25.13 18.47 7.17
N ASN A 245 -24.26 19.41 7.62
CA ASN A 245 -23.18 19.97 6.81
C ASN A 245 -21.91 19.14 7.06
N PHE A 246 -22.00 17.83 6.86
CA PHE A 246 -20.88 16.90 7.00
C PHE A 246 -20.87 15.96 5.80
N ARG A 247 -19.68 15.46 5.47
CA ARG A 247 -19.57 14.45 4.40
C ARG A 247 -19.75 13.06 4.99
N GLN A 248 -20.42 12.18 4.21
CA GLN A 248 -20.40 10.76 4.56
C GLN A 248 -18.99 10.17 4.59
N VAL A 249 -18.80 9.13 5.42
CA VAL A 249 -17.50 8.49 5.49
C VAL A 249 -17.15 7.83 4.15
N GLN A 250 -15.85 7.79 3.88
CA GLN A 250 -15.31 7.25 2.62
C GLN A 250 -14.75 5.87 2.89
N LYS A 251 -14.70 5.05 1.80
CA LYS A 251 -13.95 3.80 1.91
C LYS A 251 -12.47 4.08 2.22
N PHE A 252 -11.88 3.19 3.04
CA PHE A 252 -10.48 3.36 3.42
C PHE A 252 -9.94 1.94 3.54
N ASP A 253 -9.29 1.46 2.47
CA ASP A 253 -9.00 0.04 2.32
C ASP A 253 -7.49 -0.14 2.21
N GLU A 254 -6.99 -1.20 2.90
CA GLU A 254 -5.57 -1.54 2.91
C GLU A 254 -4.77 -0.38 3.47
N ARG A 255 -5.32 0.30 4.48
CA ARG A 255 -4.61 1.42 5.07
C ARG A 255 -4.77 1.42 6.58
N LEU A 256 -3.82 2.11 7.25
CA LEU A 256 -3.93 2.19 8.68
C LEU A 256 -4.13 3.65 9.11
N VAL A 257 -4.70 3.76 10.31
CA VAL A 257 -4.69 4.99 11.05
C VAL A 257 -3.76 4.79 12.22
N TYR A 258 -2.79 5.69 12.37
CA TYR A 258 -1.82 5.54 13.43
C TYR A 258 -2.33 6.21 14.69
N THR A 259 -2.03 5.61 15.85
CA THR A 259 -2.52 6.18 17.10
C THR A 259 -1.33 6.48 18.00
N SER A 260 -1.42 7.58 18.75
CA SER A 260 -0.37 7.95 19.67
C SER A 260 -0.54 7.19 20.98
N PHE A 261 -1.61 6.40 21.10
CA PHE A 261 -1.93 5.63 22.29
C PHE A 261 -2.02 4.17 21.90
N SER A 262 -1.69 3.29 22.85
CA SER A 262 -2.02 1.89 22.68
C SER A 262 -3.25 1.55 23.53
N GLN A 263 -3.22 1.99 24.78
CA GLN A 263 -4.13 1.56 25.84
C GLN A 263 -5.60 1.75 25.41
N LYS B 3 -16.31 0.87 -17.59
CA LYS B 3 -17.48 1.56 -16.96
C LYS B 3 -17.40 1.36 -15.44
N TRP B 4 -18.57 1.45 -14.78
CA TRP B 4 -18.58 1.83 -13.37
C TRP B 4 -18.01 0.71 -12.52
N THR B 5 -17.42 1.10 -11.38
CA THR B 5 -16.79 0.17 -10.46
C THR B 5 -17.05 0.62 -9.02
N TYR B 6 -16.44 -0.10 -8.07
CA TYR B 6 -16.46 0.33 -6.68
C TYR B 6 -15.12 0.84 -6.17
N PHE B 7 -14.18 1.08 -7.07
CA PHE B 7 -12.86 1.45 -6.66
C PHE B 7 -12.20 2.19 -7.81
N GLY B 8 -11.68 3.37 -7.48
CA GLY B 8 -10.81 4.07 -8.43
C GLY B 8 -11.61 5.13 -9.17
N PRO B 9 -11.11 5.60 -10.32
CA PRO B 9 -11.70 6.73 -11.02
C PRO B 9 -13.15 6.56 -11.38
N ASP B 10 -13.58 5.30 -11.54
CA ASP B 10 -14.95 5.00 -11.93
C ASP B 10 -15.80 4.55 -10.73
N GLY B 11 -15.28 4.80 -9.51
CA GLY B 11 -15.97 4.34 -8.30
C GLY B 11 -17.10 5.30 -7.88
N GLU B 12 -17.66 5.07 -6.70
CA GLU B 12 -18.99 5.52 -6.35
C GLU B 12 -19.13 7.05 -6.32
N ASN B 13 -18.05 7.75 -5.95
CA ASN B 13 -18.14 9.21 -5.89
C ASN B 13 -18.22 9.80 -7.31
N SER B 14 -17.91 8.97 -8.31
CA SER B 14 -17.96 9.41 -9.72
C SER B 14 -19.18 8.92 -10.48
N TRP B 15 -20.02 8.07 -9.90
CA TRP B 15 -21.13 7.49 -10.68
C TRP B 15 -22.03 8.59 -11.22
N SER B 16 -22.26 9.66 -10.46
CA SER B 16 -23.19 10.71 -10.89
C SER B 16 -22.73 11.41 -12.18
N LYS B 17 -21.46 11.28 -12.53
CA LYS B 17 -20.96 11.88 -13.77
C LYS B 17 -21.67 11.28 -14.97
N LYS B 18 -22.00 9.99 -14.94
CA LYS B 18 -22.63 9.30 -16.07
C LYS B 18 -24.08 8.96 -15.77
N TYR B 19 -24.46 8.88 -14.49
CA TYR B 19 -25.75 8.38 -14.08
C TYR B 19 -26.35 9.41 -13.11
N PRO B 20 -27.05 10.41 -13.62
CA PRO B 20 -27.51 11.52 -12.81
C PRO B 20 -28.28 11.17 -11.53
N SER B 21 -29.08 10.10 -11.58
CA SER B 21 -29.88 9.78 -10.39
C SER B 21 -28.98 9.42 -9.22
N CYS B 22 -27.73 8.97 -9.47
CA CYS B 22 -26.87 8.57 -8.37
C CYS B 22 -26.50 9.78 -7.53
N GLY B 23 -26.71 11.00 -8.04
CA GLY B 23 -26.54 12.25 -7.31
C GLY B 23 -27.88 12.89 -6.95
N GLY B 24 -28.96 12.15 -7.13
CA GLY B 24 -30.27 12.71 -6.83
C GLY B 24 -30.74 12.33 -5.43
N LEU B 25 -32.05 12.44 -5.25
CA LEU B 25 -32.61 12.23 -3.92
C LEU B 25 -32.96 10.76 -3.74
N LEU B 26 -33.31 10.40 -2.50
CA LEU B 26 -33.87 9.11 -2.12
C LEU B 26 -32.87 7.97 -2.37
N GLN B 27 -31.58 8.22 -2.14
CA GLN B 27 -30.60 7.17 -2.46
C GLN B 27 -30.44 6.15 -1.35
N SER B 28 -30.09 4.92 -1.76
CA SER B 28 -29.81 3.79 -0.86
C SER B 28 -28.36 3.36 -1.06
N PRO B 29 -27.72 2.63 -0.13
CA PRO B 29 -28.31 2.17 1.15
C PRO B 29 -28.19 3.26 2.22
N ILE B 30 -28.72 2.91 3.39
CA ILE B 30 -28.70 3.84 4.54
C ILE B 30 -28.34 3.09 5.81
N ASP B 31 -27.94 3.89 6.81
CA ASP B 31 -27.72 3.38 8.15
C ASP B 31 -29.01 3.40 8.94
N LEU B 32 -29.37 2.22 9.45
CA LEU B 32 -30.60 2.08 10.21
C LEU B 32 -30.28 2.33 11.67
N HIS B 33 -30.72 3.50 12.21
CA HIS B 33 -30.43 3.82 13.61
C HIS B 33 -31.67 4.48 14.20
N SER B 34 -31.71 4.42 15.56
CA SER B 34 -32.90 4.80 16.32
C SER B 34 -33.52 6.14 15.91
N ASP B 35 -32.73 7.21 15.67
CA ASP B 35 -33.32 8.53 15.50
C ASP B 35 -34.23 8.61 14.28
N ILE B 36 -34.07 7.65 13.35
CA ILE B 36 -34.84 7.79 12.13
C ILE B 36 -35.85 6.65 11.99
N LEU B 37 -35.98 5.82 13.05
CA LEU B 37 -36.90 4.67 13.03
C LEU B 37 -38.25 5.07 13.61
N GLN B 38 -39.33 4.53 13.03
CA GLN B 38 -40.65 4.76 13.62
C GLN B 38 -41.51 3.53 13.40
N TYR B 39 -42.12 3.04 14.48
CA TYR B 39 -42.93 1.85 14.36
C TYR B 39 -44.16 2.20 13.53
N ASP B 40 -44.54 1.28 12.64
CA ASP B 40 -45.76 1.40 11.89
C ASP B 40 -46.53 0.08 11.97
N ALA B 41 -47.67 0.06 12.70
CA ALA B 41 -48.47 -1.13 12.92
C ALA B 41 -49.15 -1.62 11.64
N SER B 42 -49.20 -0.79 10.60
CA SER B 42 -49.78 -1.30 9.35
C SER B 42 -48.81 -2.16 8.51
N LEU B 43 -47.56 -2.33 8.95
CA LEU B 43 -46.62 -3.15 8.19
C LEU B 43 -46.81 -4.60 8.58
N THR B 44 -47.81 -5.19 7.90
CA THR B 44 -48.18 -6.57 8.15
C THR B 44 -47.23 -7.54 7.46
N PRO B 45 -47.28 -8.85 7.78
CA PRO B 45 -46.31 -9.81 7.26
C PRO B 45 -46.45 -9.98 5.75
N LEU B 46 -45.30 -10.01 5.06
CA LEU B 46 -45.33 -10.35 3.64
C LEU B 46 -45.63 -11.84 3.50
N GLU B 47 -46.22 -12.18 2.37
CA GLU B 47 -46.32 -13.57 1.99
C GLU B 47 -45.43 -13.82 0.77
N PHE B 48 -44.67 -14.91 0.88
CA PHE B 48 -43.69 -15.29 -0.15
C PHE B 48 -44.31 -16.39 -1.02
N GLN B 49 -44.69 -16.05 -2.28
CA GLN B 49 -45.46 -17.04 -3.03
C GLN B 49 -44.59 -17.59 -4.18
N GLY B 50 -44.58 -18.90 -4.35
CA GLY B 50 -43.82 -19.44 -5.46
C GLY B 50 -42.31 -19.41 -5.22
N TYR B 51 -41.89 -19.24 -3.95
CA TYR B 51 -40.48 -19.19 -3.63
C TYR B 51 -39.85 -20.58 -3.59
N ASN B 52 -40.69 -21.64 -3.47
CA ASN B 52 -40.21 -23.00 -3.38
C ASN B 52 -39.96 -23.56 -4.78
N LEU B 53 -38.80 -23.23 -5.33
CA LEU B 53 -38.47 -23.62 -6.72
C LEU B 53 -38.17 -25.13 -6.81
N SER B 54 -38.68 -25.76 -7.89
CA SER B 54 -38.48 -27.19 -8.04
C SER B 54 -37.00 -27.53 -8.21
N ALA B 55 -36.51 -28.54 -7.45
CA ALA B 55 -35.17 -29.06 -7.55
C ALA B 55 -34.90 -29.69 -8.91
N ASN B 56 -35.97 -30.01 -9.66
CA ASN B 56 -35.77 -30.63 -10.96
C ASN B 56 -35.69 -29.58 -12.05
N LYS B 57 -35.97 -28.31 -11.72
CA LYS B 57 -35.78 -27.22 -12.67
C LYS B 57 -34.44 -26.54 -12.38
N GLN B 58 -33.99 -25.72 -13.31
CA GLN B 58 -32.70 -25.03 -13.14
C GLN B 58 -32.81 -23.57 -13.55
N PHE B 59 -32.00 -22.76 -12.84
CA PHE B 59 -32.12 -21.30 -12.85
C PHE B 59 -30.74 -20.72 -13.15
N LEU B 60 -30.73 -19.72 -14.01
CA LEU B 60 -29.45 -19.21 -14.53
C LEU B 60 -28.75 -18.29 -13.53
N LEU B 61 -27.50 -18.64 -13.24
CA LEU B 61 -26.58 -17.83 -12.43
C LEU B 61 -25.63 -17.13 -13.38
N THR B 62 -25.41 -15.83 -13.19
CA THR B 62 -24.57 -15.10 -14.13
C THR B 62 -23.65 -14.15 -13.36
N ASN B 63 -22.39 -14.06 -13.75
CA ASN B 63 -21.51 -13.00 -13.30
C ASN B 63 -21.71 -11.86 -14.28
N ASN B 64 -22.21 -10.71 -13.79
CA ASN B 64 -22.46 -9.61 -14.72
C ASN B 64 -21.38 -8.51 -14.65
N GLY B 65 -20.27 -8.83 -14.00
CA GLY B 65 -19.18 -7.87 -13.89
C GLY B 65 -19.27 -7.05 -12.62
N HIS B 66 -20.44 -7.04 -11.93
CA HIS B 66 -20.63 -6.24 -10.71
C HIS B 66 -21.07 -7.04 -9.49
N SER B 67 -21.80 -8.15 -9.74
CA SER B 67 -22.22 -9.10 -8.71
C SER B 67 -22.37 -10.47 -9.38
N VAL B 68 -22.79 -11.44 -8.54
CA VAL B 68 -23.29 -12.68 -9.11
C VAL B 68 -24.81 -12.64 -8.91
N LYS B 69 -25.57 -12.96 -9.97
CA LYS B 69 -27.04 -12.87 -9.93
C LYS B 69 -27.64 -14.21 -10.34
N LEU B 70 -28.74 -14.56 -9.68
CA LEU B 70 -29.53 -15.74 -10.05
C LEU B 70 -30.86 -15.22 -10.57
N ASN B 71 -31.22 -15.60 -11.81
CA ASN B 71 -32.51 -15.22 -12.40
C ASN B 71 -33.61 -16.04 -11.76
N LEU B 72 -34.75 -15.35 -11.53
CA LEU B 72 -35.86 -15.95 -10.81
C LEU B 72 -37.07 -15.91 -11.73
N PRO B 73 -37.99 -16.88 -11.56
CA PRO B 73 -39.17 -16.97 -12.43
C PRO B 73 -40.25 -15.96 -12.06
N SER B 74 -41.06 -15.53 -13.03
CA SER B 74 -42.05 -14.51 -12.70
C SER B 74 -43.23 -15.08 -11.90
N ASP B 75 -43.30 -16.41 -11.73
CA ASP B 75 -44.36 -17.02 -10.91
C ASP B 75 -44.00 -16.95 -9.43
N MET B 76 -42.86 -16.34 -9.13
CA MET B 76 -42.48 -16.09 -7.76
C MET B 76 -42.85 -14.65 -7.42
N HIS B 77 -43.57 -14.45 -6.30
N HIS B 77 -43.58 -14.44 -6.30
CA HIS B 77 -44.14 -13.14 -6.02
CA HIS B 77 -44.01 -13.07 -6.03
C HIS B 77 -44.05 -12.84 -4.53
C HIS B 77 -44.07 -12.83 -4.54
N ILE B 78 -44.11 -11.54 -4.22
CA ILE B 78 -44.42 -11.15 -2.85
C ILE B 78 -45.80 -10.52 -2.83
N GLN B 79 -46.57 -10.97 -1.83
CA GLN B 79 -47.95 -10.53 -1.59
C GLN B 79 -48.02 -9.92 -0.19
N GLY B 80 -48.95 -8.99 -0.04
CA GLY B 80 -48.97 -8.22 1.20
C GLY B 80 -48.78 -6.76 0.84
N LEU B 81 -48.03 -6.53 -0.26
CA LEU B 81 -47.92 -5.18 -0.78
C LEU B 81 -49.20 -4.79 -1.54
N GLN B 82 -49.25 -3.55 -2.01
CA GLN B 82 -50.52 -3.00 -2.49
C GLN B 82 -50.67 -3.29 -3.97
N SER B 83 -49.58 -3.77 -4.59
CA SER B 83 -49.66 -4.50 -5.85
C SER B 83 -48.95 -5.83 -5.66
N ARG B 84 -49.12 -6.77 -6.60
CA ARG B 84 -48.28 -7.94 -6.49
C ARG B 84 -46.92 -7.55 -7.08
N TYR B 85 -45.83 -7.98 -6.42
CA TYR B 85 -44.52 -7.75 -7.04
C TYR B 85 -43.95 -9.10 -7.42
N SER B 86 -43.44 -9.17 -8.66
CA SER B 86 -42.91 -10.39 -9.20
C SER B 86 -41.37 -10.41 -9.14
N ALA B 87 -40.85 -11.55 -8.78
CA ALA B 87 -39.38 -11.67 -8.68
C ALA B 87 -38.73 -11.57 -10.05
N THR B 88 -37.49 -11.07 -10.03
CA THR B 88 -36.71 -11.06 -11.27
C THR B 88 -35.32 -11.63 -11.08
N GLN B 89 -34.64 -11.30 -9.96
CA GLN B 89 -33.30 -11.84 -9.76
C GLN B 89 -32.90 -11.64 -8.30
N LEU B 90 -31.96 -12.44 -7.83
CA LEU B 90 -31.31 -12.09 -6.55
C LEU B 90 -29.82 -11.97 -6.77
N HIS B 91 -29.14 -11.23 -5.89
CA HIS B 91 -27.68 -11.11 -6.01
C HIS B 91 -27.14 -10.72 -4.66
N LEU B 92 -25.81 -10.60 -4.56
CA LEU B 92 -25.14 -10.30 -3.29
C LEU B 92 -24.18 -9.13 -3.38
N HIS B 93 -23.88 -8.66 -2.17
CA HIS B 93 -22.82 -7.67 -1.97
C HIS B 93 -21.94 -8.10 -0.83
N TRP B 94 -20.62 -7.88 -0.96
CA TRP B 94 -19.69 -8.38 0.07
C TRP B 94 -18.41 -7.57 0.09
N GLY B 95 -17.55 -7.91 1.06
CA GLY B 95 -16.32 -7.15 1.29
C GLY B 95 -15.12 -7.87 0.67
N ASN B 96 -14.12 -8.23 1.47
CA ASN B 96 -12.97 -8.91 0.92
C ASN B 96 -12.34 -9.75 2.02
N PRO B 97 -11.40 -10.66 1.68
CA PRO B 97 -10.93 -11.61 2.68
C PRO B 97 -10.30 -11.01 3.92
N ASN B 98 -9.72 -9.80 3.78
CA ASN B 98 -9.03 -9.18 4.90
C ASN B 98 -9.95 -8.19 5.60
N ASP B 99 -11.18 -8.03 5.10
CA ASP B 99 -12.15 -7.15 5.75
C ASP B 99 -13.55 -7.63 5.35
N PRO B 100 -14.05 -8.71 5.98
CA PRO B 100 -15.33 -9.32 5.58
C PRO B 100 -16.49 -8.55 6.17
N HIS B 101 -16.67 -7.32 5.68
CA HIS B 101 -17.70 -6.42 6.23
C HIS B 101 -18.28 -5.57 5.15
N GLY B 102 -19.01 -6.22 4.26
CA GLY B 102 -19.41 -5.61 2.99
C GLY B 102 -20.93 -5.59 2.79
N SER B 103 -21.75 -5.58 3.88
CA SER B 103 -23.14 -5.22 3.67
C SER B 103 -23.32 -3.79 3.15
N GLU B 104 -24.44 -3.55 2.53
CA GLU B 104 -24.77 -2.23 2.04
C GLU B 104 -25.46 -1.44 3.14
N HIS B 105 -26.60 -1.92 3.62
CA HIS B 105 -27.20 -1.28 4.80
C HIS B 105 -26.36 -1.60 6.01
N THR B 106 -26.35 -0.61 6.95
CA THR B 106 -25.70 -0.81 8.24
C THR B 106 -26.77 -0.62 9.32
N VAL B 107 -26.46 -1.17 10.52
CA VAL B 107 -27.38 -1.08 11.64
C VAL B 107 -26.60 -0.49 12.81
N SER B 108 -27.08 0.69 13.21
CA SER B 108 -26.46 1.48 14.27
C SER B 108 -24.96 1.61 13.99
N GLY B 109 -24.66 1.86 12.72
CA GLY B 109 -23.31 2.14 12.28
C GLY B 109 -22.44 0.90 11.95
N GLN B 110 -22.95 -0.32 12.10
CA GLN B 110 -22.12 -1.51 11.96
C GLN B 110 -22.50 -2.23 10.64
N HIS B 111 -21.46 -2.54 9.84
CA HIS B 111 -21.59 -3.42 8.68
C HIS B 111 -21.71 -4.87 9.10
N PHE B 112 -22.55 -5.57 8.39
CA PHE B 112 -22.59 -7.00 8.44
C PHE B 112 -21.62 -7.53 7.38
N ALA B 113 -21.40 -8.85 7.37
CA ALA B 113 -20.44 -9.46 6.45
C ALA B 113 -20.81 -9.22 4.99
N ALA B 114 -22.10 -9.39 4.67
CA ALA B 114 -22.54 -9.38 3.26
C ALA B 114 -24.06 -9.08 3.30
N GLU B 115 -24.64 -8.96 2.11
CA GLU B 115 -26.06 -8.67 1.99
C GLU B 115 -26.65 -9.31 0.74
N LEU B 116 -27.80 -9.94 0.88
CA LEU B 116 -28.56 -10.56 -0.23
C LEU B 116 -29.68 -9.61 -0.58
N HIS B 117 -29.85 -9.33 -1.86
CA HIS B 117 -30.98 -8.58 -2.41
C HIS B 117 -31.84 -9.42 -3.35
N ILE B 118 -33.15 -9.52 -3.04
CA ILE B 118 -34.06 -10.25 -3.95
C ILE B 118 -34.94 -9.20 -4.57
N VAL B 119 -34.75 -8.98 -5.89
CA VAL B 119 -35.35 -7.87 -6.61
C VAL B 119 -36.66 -8.36 -7.23
N HIS B 120 -37.68 -7.52 -7.06
CA HIS B 120 -39.01 -7.76 -7.65
C HIS B 120 -39.47 -6.48 -8.35
N TYR B 121 -40.42 -6.62 -9.31
CA TYR B 121 -41.00 -5.49 -10.01
C TYR B 121 -42.53 -5.56 -9.95
N ASN B 122 -43.15 -4.41 -10.08
CA ASN B 122 -44.61 -4.32 -10.08
C ASN B 122 -45.18 -4.90 -11.38
N SER B 123 -45.69 -6.12 -11.30
CA SER B 123 -46.11 -6.74 -12.54
C SER B 123 -47.58 -6.42 -12.86
N ASP B 124 -48.36 -6.09 -11.82
CA ASP B 124 -49.68 -5.52 -12.02
C ASP B 124 -49.59 -4.47 -13.13
N LEU B 125 -48.47 -3.72 -13.18
CA LEU B 125 -48.36 -2.41 -13.82
C LEU B 125 -47.38 -2.38 -14.99
N TYR B 126 -46.39 -3.29 -15.00
CA TYR B 126 -45.28 -3.22 -15.94
C TYR B 126 -44.95 -4.61 -16.48
N PRO B 127 -44.44 -4.72 -17.74
CA PRO B 127 -44.19 -6.03 -18.37
C PRO B 127 -42.92 -6.79 -17.96
N ASP B 128 -41.90 -6.03 -17.52
CA ASP B 128 -40.64 -6.63 -17.10
C ASP B 128 -39.96 -5.66 -16.15
N ALA B 129 -38.91 -6.12 -15.46
CA ALA B 129 -38.18 -5.35 -14.46
C ALA B 129 -37.42 -4.19 -15.10
N SER B 130 -36.84 -4.42 -16.29
CA SER B 130 -36.13 -3.36 -16.98
C SER B 130 -37.05 -2.16 -17.20
N THR B 131 -38.30 -2.44 -17.65
CA THR B 131 -39.29 -1.40 -17.89
C THR B 131 -39.68 -0.71 -16.59
N ALA B 132 -39.83 -1.49 -15.51
CA ALA B 132 -40.35 -1.01 -14.23
C ALA B 132 -39.33 -0.14 -13.49
N SER B 133 -38.06 -0.25 -13.89
CA SER B 133 -36.97 0.22 -13.06
C SER B 133 -36.96 1.74 -12.92
N ASN B 134 -37.58 2.44 -13.88
CA ASN B 134 -37.49 3.89 -13.89
C ASN B 134 -38.89 4.50 -13.80
N LYS B 135 -39.82 3.77 -13.17
CA LYS B 135 -41.17 4.26 -12.95
C LYS B 135 -41.53 4.14 -11.47
N SER B 136 -42.51 4.92 -11.02
CA SER B 136 -42.83 5.04 -9.62
C SER B 136 -43.44 3.73 -9.11
N GLU B 137 -43.00 3.31 -7.92
CA GLU B 137 -43.35 2.03 -7.32
C GLU B 137 -43.00 0.88 -8.28
N GLY B 138 -41.94 1.04 -9.06
CA GLY B 138 -41.57 -0.01 -9.99
C GLY B 138 -41.03 -1.24 -9.28
N LEU B 139 -40.18 -1.02 -8.25
CA LEU B 139 -39.41 -2.16 -7.75
C LEU B 139 -39.61 -2.34 -6.24
N ALA B 140 -39.48 -3.57 -5.80
CA ALA B 140 -39.47 -3.85 -4.37
C ALA B 140 -38.30 -4.81 -4.20
N VAL B 141 -37.41 -4.43 -3.27
CA VAL B 141 -36.27 -5.30 -3.00
C VAL B 141 -36.33 -5.77 -1.57
N LEU B 142 -36.09 -7.06 -1.35
CA LEU B 142 -35.93 -7.62 -0.02
C LEU B 142 -34.45 -7.70 0.25
N ALA B 143 -34.02 -7.24 1.44
CA ALA B 143 -32.64 -7.34 1.83
C ALA B 143 -32.48 -8.20 3.07
N VAL B 144 -31.54 -9.13 2.97
CA VAL B 144 -31.13 -9.97 4.09
C VAL B 144 -29.70 -9.61 4.46
N LEU B 145 -29.53 -9.25 5.73
CA LEU B 145 -28.21 -9.01 6.29
C LEU B 145 -27.58 -10.36 6.62
N ILE B 146 -26.30 -10.48 6.26
CA ILE B 146 -25.56 -11.73 6.41
C ILE B 146 -24.40 -11.57 7.38
N GLU B 147 -24.35 -12.36 8.46
N GLU B 147 -24.34 -12.44 8.40
CA GLU B 147 -23.24 -12.24 9.40
CA GLU B 147 -23.33 -12.42 9.43
C GLU B 147 -22.43 -13.53 9.37
C GLU B 147 -22.37 -13.59 9.24
N MET B 148 -21.11 -13.40 9.65
CA MET B 148 -20.22 -14.53 9.75
C MET B 148 -20.63 -15.43 10.92
N GLY B 149 -20.93 -16.69 10.59
CA GLY B 149 -21.45 -17.60 11.62
C GLY B 149 -21.33 -19.07 11.18
N SER B 150 -22.41 -19.82 11.43
CA SER B 150 -22.47 -21.20 10.95
C SER B 150 -22.56 -21.32 9.43
N PHE B 151 -22.03 -22.46 8.99
CA PHE B 151 -22.24 -22.91 7.62
C PHE B 151 -23.72 -22.95 7.30
N ASN B 152 -24.08 -22.46 6.11
CA ASN B 152 -25.46 -22.35 5.69
C ASN B 152 -25.70 -23.18 4.43
N PRO B 153 -26.33 -24.37 4.53
CA PRO B 153 -26.47 -25.27 3.36
C PRO B 153 -27.35 -24.63 2.27
N SER B 154 -28.26 -23.73 2.63
CA SER B 154 -29.12 -23.14 1.63
C SER B 154 -28.36 -22.13 0.77
N TYR B 155 -27.58 -21.21 1.40
CA TYR B 155 -26.72 -20.35 0.64
C TYR B 155 -25.71 -21.15 -0.18
N ASP B 156 -25.27 -22.30 0.32
CA ASP B 156 -24.30 -23.08 -0.43
C ASP B 156 -24.86 -23.60 -1.75
N LYS B 157 -26.20 -23.62 -1.89
CA LYS B 157 -26.79 -24.07 -3.16
C LYS B 157 -26.40 -23.07 -4.21
N ILE B 158 -26.11 -21.82 -3.84
CA ILE B 158 -25.61 -20.83 -4.79
C ILE B 158 -24.08 -20.90 -4.80
N PHE B 159 -23.44 -20.86 -3.62
CA PHE B 159 -22.00 -20.67 -3.58
C PHE B 159 -21.25 -21.87 -4.15
N SER B 160 -21.88 -23.03 -4.12
CA SER B 160 -21.23 -24.19 -4.75
C SER B 160 -20.98 -24.03 -6.24
N HIS B 161 -21.61 -23.05 -6.91
CA HIS B 161 -21.44 -22.86 -8.36
C HIS B 161 -20.54 -21.68 -8.69
N LEU B 162 -19.89 -21.06 -7.71
CA LEU B 162 -19.13 -19.85 -8.02
C LEU B 162 -17.97 -20.13 -8.96
N GLN B 163 -17.34 -21.30 -8.86
CA GLN B 163 -16.14 -21.51 -9.67
C GLN B 163 -16.53 -21.71 -11.15
N HIS B 164 -17.81 -21.71 -11.52
CA HIS B 164 -18.28 -21.81 -12.88
C HIS B 164 -18.74 -20.45 -13.43
N VAL B 165 -18.68 -19.40 -12.58
CA VAL B 165 -19.07 -18.07 -13.04
C VAL B 165 -17.98 -17.09 -12.64
N LYS B 166 -16.71 -17.51 -12.66
N LYS B 166 -16.75 -17.58 -12.80
CA LYS B 166 -15.67 -16.63 -12.11
CA LYS B 166 -15.61 -16.90 -12.28
C LYS B 166 -15.56 -15.33 -12.89
C LYS B 166 -15.43 -15.52 -12.92
N TYR B 167 -15.82 -15.37 -14.21
CA TYR B 167 -15.54 -14.19 -15.00
C TYR B 167 -16.78 -13.53 -15.59
N LYS B 168 -16.67 -12.21 -15.83
CA LYS B 168 -17.79 -11.48 -16.43
C LYS B 168 -18.30 -12.18 -17.69
N GLY B 169 -19.62 -12.30 -17.74
CA GLY B 169 -20.35 -12.87 -18.86
C GLY B 169 -20.63 -14.37 -18.69
N GLN B 170 -19.95 -15.04 -17.74
CA GLN B 170 -20.10 -16.48 -17.64
C GLN B 170 -21.43 -16.78 -16.92
N GLU B 171 -22.03 -17.89 -17.31
CA GLU B 171 -23.33 -18.35 -16.86
C GLU B 171 -23.25 -19.82 -16.44
N ALA B 172 -24.05 -20.19 -15.43
CA ALA B 172 -24.15 -21.56 -14.94
C ALA B 172 -25.60 -21.80 -14.52
N PHE B 173 -26.02 -23.04 -14.42
CA PHE B 173 -27.36 -23.40 -13.96
C PHE B 173 -27.34 -23.96 -12.55
N VAL B 174 -28.27 -23.42 -11.75
CA VAL B 174 -28.41 -23.80 -10.35
C VAL B 174 -29.73 -24.58 -10.25
N PRO B 175 -29.75 -25.82 -9.74
CA PRO B 175 -31.06 -26.45 -9.50
C PRO B 175 -31.92 -25.63 -8.54
N GLY B 176 -33.22 -25.71 -8.76
CA GLY B 176 -34.15 -25.01 -7.88
C GLY B 176 -34.03 -25.47 -6.43
N PHE B 177 -34.29 -24.50 -5.55
CA PHE B 177 -34.43 -24.79 -4.13
C PHE B 177 -35.41 -23.77 -3.57
N ASN B 178 -35.70 -23.93 -2.25
CA ASN B 178 -36.67 -23.04 -1.66
C ASN B 178 -35.96 -21.73 -1.27
N ILE B 179 -36.27 -20.68 -2.01
CA ILE B 179 -35.62 -19.38 -1.77
C ILE B 179 -35.96 -18.85 -0.38
N GLU B 180 -37.10 -19.27 0.18
CA GLU B 180 -37.42 -18.83 1.53
C GLU B 180 -36.36 -19.26 2.52
N GLU B 181 -35.58 -20.32 2.24
CA GLU B 181 -34.53 -20.74 3.15
C GLU B 181 -33.39 -19.70 3.25
N LEU B 182 -33.33 -18.76 2.29
CA LEU B 182 -32.30 -17.71 2.38
C LEU B 182 -32.73 -16.62 3.34
N LEU B 183 -34.01 -16.58 3.74
CA LEU B 183 -34.53 -15.51 4.58
C LEU B 183 -34.30 -15.88 6.04
N PRO B 184 -34.22 -14.84 6.92
CA PRO B 184 -33.96 -15.08 8.34
C PRO B 184 -35.19 -15.53 9.08
N GLU B 185 -34.95 -15.75 10.38
CA GLU B 185 -36.02 -15.95 11.35
C GLU B 185 -36.88 -14.70 11.45
N ARG B 186 -38.18 -14.93 11.66
CA ARG B 186 -39.12 -13.88 11.99
C ARG B 186 -39.13 -12.82 10.90
N THR B 187 -39.47 -13.27 9.71
CA THR B 187 -39.57 -12.32 8.63
C THR B 187 -40.67 -11.27 8.82
N ALA B 188 -41.55 -11.47 9.82
CA ALA B 188 -42.55 -10.45 10.06
C ALA B 188 -41.92 -9.17 10.61
N GLU B 189 -40.68 -9.24 11.11
CA GLU B 189 -39.97 -8.07 11.64
C GLU B 189 -39.02 -7.51 10.57
N TYR B 190 -39.32 -6.34 10.11
CA TYR B 190 -38.56 -5.70 9.03
C TYR B 190 -38.59 -4.19 9.15
N TYR B 191 -37.63 -3.54 8.44
CA TYR B 191 -37.55 -2.12 8.26
C TYR B 191 -38.05 -1.88 6.84
N ARG B 192 -38.77 -0.79 6.63
CA ARG B 192 -39.33 -0.44 5.33
C ARG B 192 -39.09 1.02 5.01
N TYR B 193 -38.64 1.33 3.80
CA TYR B 193 -38.36 2.73 3.47
C TYR B 193 -38.37 2.87 1.96
N ARG B 194 -38.47 4.13 1.49
CA ARG B 194 -38.43 4.45 0.06
C ARG B 194 -37.00 4.81 -0.30
N GLY B 195 -36.43 4.10 -1.28
CA GLY B 195 -35.07 4.45 -1.68
C GLY B 195 -34.82 4.19 -3.15
N SER B 196 -33.62 3.68 -3.43
CA SER B 196 -33.14 3.61 -4.79
C SER B 196 -32.45 2.26 -5.01
N LEU B 197 -32.15 2.04 -6.29
CA LEU B 197 -31.13 1.05 -6.65
C LEU B 197 -29.81 1.50 -6.02
N THR B 198 -29.01 0.52 -5.53
CA THR B 198 -27.72 0.86 -4.94
C THR B 198 -26.58 0.84 -5.95
N THR B 199 -26.93 0.61 -7.23
CA THR B 199 -25.95 0.54 -8.32
C THR B 199 -26.48 1.44 -9.42
N PRO B 200 -25.59 2.02 -10.25
CA PRO B 200 -26.04 2.76 -11.44
C PRO B 200 -27.07 1.93 -12.18
N PRO B 201 -28.14 2.58 -12.68
N PRO B 201 -28.15 2.50 -12.73
CA PRO B 201 -28.30 4.04 -12.65
CA PRO B 201 -28.44 3.93 -12.72
C PRO B 201 -29.06 4.64 -11.46
C PRO B 201 -28.91 4.65 -11.45
N CYS B 202 -29.09 3.89 -10.35
CA CYS B 202 -29.51 4.46 -9.05
C CYS B 202 -30.92 5.06 -9.04
N ASN B 203 -31.82 4.45 -9.81
N ASN B 203 -31.82 4.50 -9.84
CA ASN B 203 -33.20 4.89 -9.96
CA ASN B 203 -33.12 5.11 -9.95
C ASN B 203 -33.84 4.97 -8.57
C ASN B 203 -33.81 5.01 -8.60
N PRO B 204 -34.47 6.11 -8.19
CA PRO B 204 -35.15 6.20 -6.88
C PRO B 204 -36.55 5.59 -6.89
N THR B 205 -36.61 4.31 -7.26
CA THR B 205 -37.87 3.68 -7.53
C THR B 205 -38.04 2.40 -6.71
N VAL B 206 -37.29 2.22 -5.60
CA VAL B 206 -37.34 0.99 -4.84
C VAL B 206 -38.06 1.12 -3.50
N LEU B 207 -39.04 0.24 -3.28
CA LEU B 207 -39.57 0.06 -1.95
C LEU B 207 -38.68 -0.97 -1.26
N TRP B 208 -37.96 -0.59 -0.21
CA TRP B 208 -37.02 -1.51 0.45
C TRP B 208 -37.69 -2.21 1.61
N THR B 209 -37.44 -3.48 1.80
CA THR B 209 -37.76 -4.22 3.02
C THR B 209 -36.44 -4.83 3.49
N VAL B 210 -35.92 -4.43 4.64
CA VAL B 210 -34.72 -5.00 5.19
C VAL B 210 -35.13 -5.84 6.40
N PHE B 211 -34.96 -7.12 6.36
CA PHE B 211 -35.33 -7.90 7.54
C PHE B 211 -34.52 -7.53 8.76
N ARG B 212 -35.21 -7.58 9.93
CA ARG B 212 -34.51 -7.18 11.15
C ARG B 212 -33.39 -8.15 11.54
N ASN B 213 -33.62 -9.46 11.31
CA ASN B 213 -32.69 -10.44 11.82
C ASN B 213 -31.75 -10.89 10.69
N PRO B 214 -30.45 -11.00 10.97
CA PRO B 214 -29.53 -11.53 9.96
C PRO B 214 -29.58 -13.04 9.84
N VAL B 215 -29.04 -13.55 8.74
CA VAL B 215 -28.71 -14.95 8.59
C VAL B 215 -27.22 -15.14 8.80
N GLN B 216 -26.76 -16.37 8.97
CA GLN B 216 -25.33 -16.67 9.07
C GLN B 216 -24.87 -17.48 7.87
N ILE B 217 -23.66 -17.18 7.39
CA ILE B 217 -22.91 -18.10 6.54
C ILE B 217 -21.51 -18.22 7.17
N SER B 218 -20.80 -19.29 6.83
CA SER B 218 -19.49 -19.46 7.49
C SER B 218 -18.40 -18.57 6.95
N GLN B 219 -17.27 -18.51 7.67
CA GLN B 219 -16.06 -17.86 7.18
C GLN B 219 -15.63 -18.51 5.86
N GLU B 220 -15.75 -19.84 5.74
CA GLU B 220 -15.24 -20.44 4.50
C GLU B 220 -16.19 -20.10 3.34
N GLN B 221 -17.49 -19.97 3.62
CA GLN B 221 -18.38 -19.56 2.52
C GLN B 221 -18.12 -18.11 2.13
N LEU B 222 -17.92 -17.22 3.10
CA LEU B 222 -17.56 -15.85 2.74
C LEU B 222 -16.24 -15.79 1.98
N LEU B 223 -15.24 -16.59 2.37
CA LEU B 223 -13.95 -16.58 1.71
C LEU B 223 -14.10 -17.02 0.25
N ALA B 224 -14.90 -18.07 -0.01
CA ALA B 224 -15.21 -18.48 -1.38
C ALA B 224 -15.84 -17.32 -2.13
N LEU B 225 -16.86 -16.65 -1.56
CA LEU B 225 -17.55 -15.60 -2.26
C LEU B 225 -16.60 -14.43 -2.56
N GLU B 226 -15.66 -14.16 -1.65
CA GLU B 226 -14.75 -13.01 -1.74
C GLU B 226 -13.55 -13.29 -2.66
N THR B 227 -13.28 -14.56 -2.96
CA THR B 227 -12.10 -14.89 -3.73
C THR B 227 -12.42 -15.51 -5.08
N ALA B 228 -13.65 -15.94 -5.34
CA ALA B 228 -13.92 -16.71 -6.54
C ALA B 228 -14.07 -15.85 -7.81
N LEU B 229 -14.51 -14.59 -7.66
CA LEU B 229 -15.10 -13.88 -8.79
C LEU B 229 -14.26 -12.69 -9.21
N TYR B 230 -14.35 -12.44 -10.51
CA TYR B 230 -13.70 -11.30 -11.18
C TYR B 230 -14.74 -10.41 -11.86
N CYS B 231 -14.49 -9.09 -11.86
CA CYS B 231 -15.37 -8.15 -12.54
C CYS B 231 -15.10 -8.20 -14.06
N THR B 232 -13.98 -8.81 -14.44
CA THR B 232 -13.50 -8.71 -15.82
C THR B 232 -13.72 -10.01 -16.55
N HIS B 233 -13.67 -9.92 -17.90
CA HIS B 233 -13.71 -11.12 -18.71
C HIS B 233 -12.50 -12.04 -18.57
N MET B 234 -12.72 -13.33 -18.88
CA MET B 234 -11.70 -14.37 -18.71
C MET B 234 -10.40 -13.99 -19.45
N ASP B 235 -10.53 -13.26 -20.58
CA ASP B 235 -9.33 -12.93 -21.36
C ASP B 235 -8.83 -11.51 -21.15
N ASP B 236 -9.24 -10.83 -20.06
CA ASP B 236 -8.88 -9.45 -19.85
C ASP B 236 -7.44 -9.40 -19.34
N PRO B 237 -6.54 -8.63 -19.97
CA PRO B 237 -5.19 -8.52 -19.42
C PRO B 237 -5.02 -7.55 -18.24
N SER B 238 -6.11 -6.90 -17.77
CA SER B 238 -6.08 -6.13 -16.53
C SER B 238 -7.19 -6.64 -15.62
N PRO B 239 -7.04 -7.85 -15.07
CA PRO B 239 -8.10 -8.44 -14.23
C PRO B 239 -8.35 -7.62 -12.97
N ARG B 240 -9.63 -7.64 -12.55
CA ARG B 240 -10.04 -6.91 -11.36
C ARG B 240 -10.90 -7.87 -10.54
N GLU B 241 -10.49 -8.12 -9.30
CA GLU B 241 -11.21 -9.01 -8.39
C GLU B 241 -12.56 -8.36 -8.03
N MET B 242 -13.62 -9.19 -7.95
CA MET B 242 -14.92 -8.69 -7.51
C MET B 242 -15.01 -8.77 -5.98
N ILE B 243 -14.61 -7.62 -5.38
CA ILE B 243 -14.56 -7.48 -3.93
C ILE B 243 -15.10 -6.10 -3.60
N ASN B 244 -15.55 -5.96 -2.34
CA ASN B 244 -15.92 -4.63 -1.88
C ASN B 244 -16.97 -3.99 -2.75
N ASN B 245 -17.92 -4.81 -3.23
CA ASN B 245 -18.94 -4.35 -4.17
C ASN B 245 -20.18 -3.90 -3.39
N PHE B 246 -19.99 -2.92 -2.49
CA PHE B 246 -21.09 -2.30 -1.75
C PHE B 246 -20.90 -0.80 -1.83
N ARG B 247 -22.01 -0.09 -1.83
CA ARG B 247 -22.00 1.38 -1.83
C ARG B 247 -21.98 1.85 -0.38
N GLN B 248 -21.30 3.00 -0.13
CA GLN B 248 -21.39 3.65 1.18
C GLN B 248 -22.81 4.08 1.47
N VAL B 249 -23.15 4.20 2.77
CA VAL B 249 -24.49 4.68 3.11
C VAL B 249 -24.65 6.16 2.72
N GLN B 250 -25.90 6.53 2.53
CA GLN B 250 -26.32 7.81 1.96
C GLN B 250 -27.00 8.68 3.00
N LYS B 251 -26.93 10.00 2.75
CA LYS B 251 -27.72 10.88 3.61
C LYS B 251 -29.21 10.53 3.55
N PHE B 252 -29.89 10.72 4.71
CA PHE B 252 -31.33 10.52 4.75
C PHE B 252 -32.26 11.46 3.98
N ASP B 253 -31.85 12.69 3.73
CA ASP B 253 -32.74 13.71 3.15
C ASP B 253 -34.18 13.71 3.68
N GLU B 254 -34.32 13.69 5.01
CA GLU B 254 -35.58 13.88 5.72
C GLU B 254 -36.46 12.60 5.73
N ARG B 255 -36.01 11.50 5.11
CA ARG B 255 -36.75 10.23 5.20
C ARG B 255 -36.80 9.68 6.64
N LEU B 256 -37.92 9.01 7.01
CA LEU B 256 -37.92 8.08 8.11
C LEU B 256 -37.89 6.64 7.54
N VAL B 257 -37.48 5.72 8.40
CA VAL B 257 -37.57 4.28 8.15
C VAL B 257 -38.65 3.74 9.09
N TYR B 258 -39.61 3.03 8.52
CA TYR B 258 -40.73 2.46 9.27
C TYR B 258 -40.45 1.03 9.69
N THR B 259 -40.83 0.61 10.90
CA THR B 259 -40.49 -0.70 11.40
C THR B 259 -41.77 -1.46 11.70
N SER B 260 -41.78 -2.75 11.41
CA SER B 260 -42.97 -3.56 11.68
C SER B 260 -42.93 -4.06 13.13
N PHE B 261 -41.86 -3.72 13.84
CA PHE B 261 -41.61 -4.14 15.21
C PHE B 261 -41.48 -2.89 16.04
N SER B 262 -42.04 -2.94 17.26
CA SER B 262 -42.06 -1.74 18.08
C SER B 262 -40.88 -1.74 19.04
N GLN B 263 -40.29 -2.92 19.31
CA GLN B 263 -39.14 -3.08 20.17
C GLN B 263 -38.46 -4.41 19.83
N LYS C 3 20.21 12.87 -14.50
CA LYS C 3 21.37 12.16 -15.16
C LYS C 3 21.61 10.77 -14.58
N TRP C 4 21.38 10.59 -13.27
CA TRP C 4 21.12 9.28 -12.65
C TRP C 4 20.32 9.42 -11.37
N THR C 5 19.64 8.31 -11.02
CA THR C 5 18.85 8.28 -9.80
C THR C 5 19.02 6.94 -9.08
N TYR C 6 18.43 6.88 -7.89
CA TYR C 6 18.33 5.63 -7.18
C TYR C 6 17.02 4.91 -7.46
N PHE C 7 16.09 5.52 -8.20
CA PHE C 7 14.77 4.92 -8.41
C PHE C 7 14.46 4.87 -9.91
N GLY C 8 13.47 4.09 -10.33
CA GLY C 8 12.85 4.19 -11.65
C GLY C 8 13.79 3.86 -12.81
N PRO C 9 13.51 4.36 -14.05
CA PRO C 9 14.34 4.04 -15.23
C PRO C 9 15.80 4.52 -15.36
N ASP C 10 16.16 5.53 -14.55
CA ASP C 10 17.54 6.01 -14.52
C ASP C 10 18.28 5.46 -13.31
N GLY C 11 17.71 4.39 -12.72
CA GLY C 11 18.16 3.74 -11.48
C GLY C 11 19.42 2.86 -11.65
N GLU C 12 19.82 2.19 -10.54
CA GLU C 12 21.16 1.59 -10.50
C GLU C 12 21.41 0.56 -11.60
N ASN C 13 20.43 -0.24 -12.02
CA ASN C 13 20.76 -1.20 -13.06
C ASN C 13 21.06 -0.53 -14.40
N SER C 14 20.69 0.76 -14.54
CA SER C 14 20.91 1.51 -15.79
C SER C 14 22.13 2.42 -15.71
N TRP C 15 22.80 2.54 -14.58
CA TRP C 15 23.95 3.44 -14.46
C TRP C 15 25.03 3.11 -15.49
N SER C 16 25.23 1.82 -15.81
CA SER C 16 26.34 1.42 -16.66
C SER C 16 26.18 1.93 -18.09
N LYS C 17 24.97 2.34 -18.48
N LYS C 17 24.96 2.39 -18.42
CA LYS C 17 24.84 2.91 -19.84
CA LYS C 17 24.72 2.88 -19.79
C LYS C 17 25.73 4.15 -19.96
C LYS C 17 25.43 4.21 -20.06
N LYS C 18 25.51 5.12 -19.08
CA LYS C 18 26.26 6.35 -19.19
C LYS C 18 27.61 6.27 -18.47
N TYR C 19 27.73 5.43 -17.43
CA TYR C 19 28.91 5.32 -16.59
C TYR C 19 29.45 3.90 -16.65
N PRO C 20 30.33 3.57 -17.60
CA PRO C 20 30.67 2.19 -17.88
C PRO C 20 31.29 1.49 -16.66
N SER C 21 31.99 2.22 -15.80
CA SER C 21 32.64 1.57 -14.66
C SER C 21 31.61 0.96 -13.73
N CYS C 22 30.35 1.39 -13.81
CA CYS C 22 29.34 0.79 -12.93
C CYS C 22 29.06 -0.65 -13.29
N GLY C 23 29.49 -1.10 -14.50
CA GLY C 23 29.39 -2.48 -14.92
C GLY C 23 30.74 -3.19 -14.91
N GLY C 24 31.74 -2.54 -14.30
CA GLY C 24 33.10 -3.06 -14.34
C GLY C 24 33.48 -3.83 -13.09
N LEU C 25 34.78 -3.92 -12.90
CA LEU C 25 35.38 -4.63 -11.78
C LEU C 25 35.32 -3.81 -10.51
N LEU C 26 35.54 -4.53 -9.38
CA LEU C 26 35.84 -3.97 -8.05
C LEU C 26 34.66 -3.15 -7.50
N GLN C 27 33.43 -3.54 -7.87
CA GLN C 27 32.28 -2.71 -7.48
C GLN C 27 31.87 -2.88 -6.01
N SER C 28 31.51 -1.75 -5.39
CA SER C 28 31.03 -1.67 -4.00
C SER C 28 29.56 -1.26 -4.02
N PRO C 29 28.77 -1.44 -2.96
CA PRO C 29 29.19 -2.06 -1.71
C PRO C 29 29.07 -3.58 -1.78
N ILE C 30 29.44 -4.23 -0.66
CA ILE C 30 29.47 -5.69 -0.60
C ILE C 30 28.95 -6.12 0.77
N ASP C 31 28.65 -7.43 0.83
CA ASP C 31 28.31 -8.06 2.11
C ASP C 31 29.58 -8.54 2.79
N LEU C 32 29.69 -8.17 4.08
CA LEU C 32 30.84 -8.53 4.90
C LEU C 32 30.45 -9.73 5.77
N HIS C 33 31.03 -10.89 5.51
CA HIS C 33 30.62 -12.13 6.18
C HIS C 33 31.84 -12.98 6.48
N SER C 34 31.70 -13.90 7.44
N SER C 34 31.76 -13.88 7.46
CA SER C 34 32.83 -14.56 8.09
CA SER C 34 32.98 -14.44 8.04
C SER C 34 33.78 -15.22 7.11
C SER C 34 33.85 -15.21 7.06
N ASP C 35 33.22 -15.90 6.10
CA ASP C 35 33.92 -16.78 5.19
C ASP C 35 34.90 -16.06 4.27
N ILE C 36 34.76 -14.72 4.15
CA ILE C 36 35.64 -13.96 3.30
C ILE C 36 36.52 -13.02 4.11
N LEU C 37 36.50 -13.09 5.43
CA LEU C 37 37.35 -12.20 6.21
C LEU C 37 38.71 -12.83 6.44
N GLN C 38 39.74 -11.99 6.41
CA GLN C 38 41.07 -12.47 6.76
C GLN C 38 41.79 -11.41 7.59
N TYR C 39 42.27 -11.78 8.77
CA TYR C 39 43.09 -10.86 9.56
C TYR C 39 44.34 -10.44 8.80
N ASP C 40 44.69 -9.16 8.90
CA ASP C 40 45.83 -8.55 8.22
C ASP C 40 46.59 -7.66 9.22
N ALA C 41 47.80 -8.09 9.58
CA ALA C 41 48.57 -7.36 10.58
C ALA C 41 49.00 -5.98 10.09
N SER C 42 48.88 -5.69 8.79
CA SER C 42 49.26 -4.38 8.30
C SER C 42 48.25 -3.30 8.70
N LEU C 43 47.10 -3.73 9.22
CA LEU C 43 45.97 -2.82 9.38
C LEU C 43 46.02 -2.19 10.77
N THR C 44 46.98 -1.29 10.93
CA THR C 44 47.21 -0.54 12.17
C THR C 44 46.15 0.56 12.30
N PRO C 45 46.05 1.20 13.48
CA PRO C 45 45.11 2.32 13.69
C PRO C 45 45.36 3.55 12.81
N LEU C 46 44.28 4.05 12.18
CA LEU C 46 44.34 5.30 11.44
C LEU C 46 44.32 6.46 12.43
N GLU C 47 44.90 7.57 11.99
CA GLU C 47 44.83 8.86 12.68
C GLU C 47 44.01 9.86 11.88
N PHE C 48 43.10 10.55 12.57
CA PHE C 48 42.21 11.51 11.93
C PHE C 48 42.70 12.89 12.32
N GLN C 49 43.28 13.59 11.34
CA GLN C 49 43.95 14.85 11.64
C GLN C 49 43.12 16.02 11.11
N GLY C 50 43.04 17.13 11.88
CA GLY C 50 42.32 18.31 11.41
C GLY C 50 40.81 18.12 11.35
N TYR C 51 40.28 17.10 12.03
CA TYR C 51 38.84 16.81 12.01
C TYR C 51 38.07 17.75 12.93
N ASN C 52 38.79 18.42 13.85
CA ASN C 52 38.10 19.25 14.82
C ASN C 52 37.82 20.62 14.20
N LEU C 53 36.68 20.76 13.54
CA LEU C 53 36.43 21.97 12.78
C LEU C 53 35.87 23.02 13.74
N SER C 54 36.37 24.26 13.63
CA SER C 54 35.91 25.35 14.49
C SER C 54 34.40 25.63 14.37
N ALA C 55 33.77 25.79 15.54
CA ALA C 55 32.34 26.14 15.58
C ALA C 55 32.11 27.53 14.97
N ASN C 56 33.18 28.31 14.68
CA ASN C 56 32.98 29.66 14.08
C ASN C 56 33.29 29.70 12.59
N LYS C 57 33.73 28.54 12.07
CA LYS C 57 33.80 28.29 10.63
C LYS C 57 32.48 27.66 10.18
N GLN C 58 32.27 27.70 8.85
CA GLN C 58 31.04 27.26 8.21
C GLN C 58 31.38 26.38 7.01
N PHE C 59 30.54 25.34 6.81
CA PHE C 59 30.75 24.29 5.81
C PHE C 59 29.48 24.11 5.01
N LEU C 60 29.60 24.03 3.69
CA LEU C 60 28.42 24.06 2.86
C LEU C 60 27.72 22.70 2.90
N LEU C 61 26.43 22.71 3.21
CA LEU C 61 25.59 21.51 3.14
C LEU C 61 24.70 21.63 1.90
N THR C 62 24.66 20.59 1.07
CA THR C 62 23.98 20.68 -0.21
C THR C 62 23.04 19.50 -0.31
N ASN C 63 21.80 19.76 -0.72
CA ASN C 63 21.02 18.69 -1.26
C ASN C 63 21.28 18.59 -2.76
N ASN C 64 21.95 17.49 -3.19
CA ASN C 64 22.23 17.37 -4.61
C ASN C 64 21.28 16.43 -5.31
N GLY C 65 20.14 16.12 -4.67
CA GLY C 65 19.15 15.27 -5.31
C GLY C 65 19.44 13.79 -5.04
N HIS C 66 20.68 13.45 -4.65
CA HIS C 66 21.06 12.06 -4.43
C HIS C 66 21.29 11.78 -2.95
N SER C 67 21.81 12.76 -2.24
CA SER C 67 22.06 12.70 -0.81
C SER C 67 22.11 14.12 -0.26
N VAL C 68 22.37 14.21 1.02
CA VAL C 68 22.80 15.46 1.61
C VAL C 68 24.28 15.30 1.91
N LYS C 69 25.06 16.26 1.40
CA LYS C 69 26.51 16.26 1.56
C LYS C 69 26.92 17.53 2.29
N LEU C 70 27.97 17.38 3.08
CA LEU C 70 28.67 18.48 3.70
C LEU C 70 30.06 18.51 3.09
N ASN C 71 30.41 19.69 2.57
CA ASN C 71 31.74 19.90 2.04
C ASN C 71 32.72 19.95 3.22
N LEU C 72 33.92 19.37 3.05
CA LEU C 72 34.91 19.33 4.13
C LEU C 72 36.22 19.91 3.61
N PRO C 73 37.05 20.53 4.47
CA PRO C 73 38.24 21.23 4.00
C PRO C 73 39.42 20.28 3.84
N SER C 74 40.26 20.58 2.83
CA SER C 74 41.37 19.71 2.44
C SER C 74 42.46 19.55 3.51
N ASP C 75 42.43 20.37 4.56
CA ASP C 75 43.47 20.27 5.59
C ASP C 75 43.05 19.20 6.60
N MET C 76 41.86 18.64 6.39
CA MET C 76 41.44 17.49 7.16
C MET C 76 41.94 16.23 6.44
N HIS C 77 42.61 15.33 7.16
CA HIS C 77 43.24 14.19 6.49
C HIS C 77 43.40 12.94 7.36
N ILE C 78 43.48 11.78 6.67
CA ILE C 78 43.83 10.53 7.34
C ILE C 78 45.34 10.32 7.27
N GLN C 79 45.93 9.93 8.41
CA GLN C 79 47.32 9.54 8.53
C GLN C 79 47.35 8.05 8.87
N GLY C 80 48.23 7.31 8.19
CA GLY C 80 48.42 5.90 8.46
C GLY C 80 48.27 5.01 7.23
N LEU C 81 47.80 5.60 6.11
CA LEU C 81 47.76 4.92 4.82
C LEU C 81 49.07 5.23 4.08
N GLN C 82 49.25 4.66 2.88
CA GLN C 82 50.49 4.78 2.12
C GLN C 82 50.70 6.19 1.56
N SER C 83 49.60 6.91 1.34
CA SER C 83 49.59 8.29 0.89
C SER C 83 48.74 9.06 1.89
N ARG C 84 48.92 10.37 1.93
CA ARG C 84 47.93 11.23 2.58
C ARG C 84 46.65 11.26 1.79
N TYR C 85 45.52 11.07 2.51
CA TYR C 85 44.22 11.29 1.92
C TYR C 85 43.56 12.46 2.64
N SER C 86 43.17 13.49 1.88
CA SER C 86 42.54 14.70 2.37
C SER C 86 41.02 14.58 2.16
N ALA C 87 40.30 15.16 3.11
CA ALA C 87 38.84 15.21 3.04
C ALA C 87 38.32 16.05 1.87
N THR C 88 37.14 15.66 1.37
CA THR C 88 36.41 16.42 0.37
C THR C 88 34.97 16.64 0.82
N GLN C 89 34.28 15.57 1.32
CA GLN C 89 32.87 15.71 1.70
C GLN C 89 32.49 14.49 2.54
N LEU C 90 31.40 14.64 3.31
CA LEU C 90 30.71 13.48 3.80
C LEU C 90 29.26 13.54 3.38
N HIS C 91 28.62 12.36 3.45
CA HIS C 91 27.24 12.22 3.04
C HIS C 91 26.68 10.95 3.67
N LEU C 92 25.36 10.75 3.51
CA LEU C 92 24.69 9.60 4.12
C LEU C 92 23.85 8.87 3.08
N HIS C 93 23.56 7.62 3.50
CA HIS C 93 22.65 6.74 2.80
C HIS C 93 21.67 6.14 3.80
N TRP C 94 20.40 6.05 3.37
CA TRP C 94 19.35 5.59 4.26
C TRP C 94 18.28 4.83 3.44
N GLY C 95 17.33 4.29 4.20
CA GLY C 95 16.18 3.56 3.68
C GLY C 95 14.90 4.42 3.65
N ASN C 96 13.80 3.87 4.19
CA ASN C 96 12.55 4.61 4.23
C ASN C 96 11.81 4.22 5.51
N PRO C 97 10.78 4.99 5.95
CA PRO C 97 10.14 4.66 7.23
C PRO C 97 9.49 3.28 7.30
N ASN C 98 9.07 2.77 6.15
CA ASN C 98 8.41 1.46 6.10
C ASN C 98 9.44 0.31 6.13
N ASP C 99 10.69 0.60 5.74
CA ASP C 99 11.77 -0.38 5.69
C ASP C 99 13.07 0.34 6.06
N PRO C 100 13.30 0.59 7.36
CA PRO C 100 14.34 1.53 7.78
C PRO C 100 15.70 0.84 7.85
N HIS C 101 16.10 0.27 6.70
CA HIS C 101 17.34 -0.50 6.64
C HIS C 101 18.10 -0.18 5.35
N GLY C 102 18.81 0.97 5.33
CA GLY C 102 19.40 1.44 4.09
C GLY C 102 20.88 1.79 4.16
N SER C 103 21.61 1.01 4.97
CA SER C 103 23.06 0.97 4.80
C SER C 103 23.43 0.41 3.42
N GLU C 104 24.65 0.75 3.01
CA GLU C 104 25.16 0.20 1.76
C GLU C 104 25.84 -1.13 1.97
N HIS C 105 26.85 -1.17 2.83
CA HIS C 105 27.46 -2.44 3.22
C HIS C 105 26.49 -3.18 4.13
N THR C 106 26.53 -4.50 4.03
CA THR C 106 25.78 -5.33 4.95
C THR C 106 26.79 -6.19 5.69
N VAL C 107 26.35 -6.69 6.87
CA VAL C 107 27.15 -7.60 7.66
C VAL C 107 26.36 -8.89 7.86
N SER C 108 26.89 -10.02 7.40
CA SER C 108 26.22 -11.32 7.48
C SER C 108 24.82 -11.19 6.91
N GLY C 109 24.73 -10.45 5.80
CA GLY C 109 23.53 -10.33 5.02
C GLY C 109 22.57 -9.23 5.50
N GLN C 110 22.86 -8.60 6.66
CA GLN C 110 21.94 -7.66 7.29
C GLN C 110 22.34 -6.20 7.03
N HIS C 111 21.34 -5.43 6.59
CA HIS C 111 21.54 -3.99 6.49
C HIS C 111 21.46 -3.36 7.88
N PHE C 112 22.27 -2.32 8.04
CA PHE C 112 22.08 -1.36 9.13
C PHE C 112 21.03 -0.34 8.74
N ALA C 113 20.64 0.53 9.71
CA ALA C 113 19.69 1.58 9.39
C ALA C 113 20.09 2.55 8.31
N ALA C 114 21.37 2.96 8.40
CA ALA C 114 21.94 3.98 7.54
C ALA C 114 23.46 3.85 7.56
N GLU C 115 24.12 4.61 6.69
CA GLU C 115 25.56 4.55 6.60
C GLU C 115 26.04 5.98 6.29
N LEU C 116 27.14 6.36 6.97
CA LEU C 116 27.80 7.65 6.72
C LEU C 116 29.15 7.40 6.01
N HIS C 117 29.38 8.16 4.93
CA HIS C 117 30.62 8.05 4.14
C HIS C 117 31.41 9.33 4.37
N ILE C 118 32.69 9.23 4.70
CA ILE C 118 33.58 10.40 4.74
C ILE C 118 34.61 10.26 3.64
N VAL C 119 34.48 11.02 2.55
CA VAL C 119 35.20 10.78 1.31
C VAL C 119 36.50 11.61 1.34
N HIS C 120 37.62 10.93 1.07
CA HIS C 120 38.91 11.62 1.00
C HIS C 120 39.56 11.33 -0.36
N TYR C 121 40.52 12.19 -0.79
CA TYR C 121 41.22 12.02 -2.06
C TYR C 121 42.72 12.00 -1.81
N ASN C 122 43.44 11.36 -2.73
CA ASN C 122 44.90 11.24 -2.59
C ASN C 122 45.56 12.55 -2.97
N SER C 123 45.89 13.32 -1.94
CA SER C 123 46.34 14.69 -2.18
C SER C 123 47.84 14.68 -2.42
N ASP C 124 48.51 13.58 -2.11
CA ASP C 124 49.90 13.38 -2.53
C ASP C 124 50.00 13.25 -4.06
N LEU C 125 49.07 12.55 -4.72
CA LEU C 125 49.16 12.36 -6.16
C LEU C 125 48.38 13.46 -6.91
N TYR C 126 47.26 13.93 -6.34
CA TYR C 126 46.31 14.66 -7.14
C TYR C 126 45.95 15.99 -6.49
N PRO C 127 45.59 17.03 -7.29
CA PRO C 127 45.32 18.36 -6.74
C PRO C 127 43.95 18.55 -6.08
N ASP C 128 43.00 17.68 -6.41
CA ASP C 128 41.63 17.84 -5.96
C ASP C 128 40.87 16.52 -6.14
N ALA C 129 39.69 16.47 -5.52
CA ALA C 129 38.89 15.25 -5.53
C ALA C 129 38.33 14.94 -6.92
N SER C 130 37.93 15.98 -7.67
CA SER C 130 37.44 15.68 -9.00
C SER C 130 38.53 15.06 -9.88
N THR C 131 39.78 15.56 -9.81
CA THR C 131 40.87 14.97 -10.59
C THR C 131 41.16 13.55 -10.09
N ALA C 132 41.14 13.37 -8.76
CA ALA C 132 41.53 12.07 -8.21
C ALA C 132 40.52 10.96 -8.50
N SER C 133 39.25 11.33 -8.72
CA SER C 133 38.21 10.33 -8.49
C SER C 133 38.27 9.20 -9.53
N ASN C 134 38.80 9.48 -10.71
CA ASN C 134 38.86 8.43 -11.74
C ASN C 134 40.28 7.92 -11.94
N LYS C 135 41.16 8.11 -10.95
CA LYS C 135 42.56 7.83 -11.16
C LYS C 135 43.02 6.85 -10.11
N SER C 136 44.16 6.23 -10.43
CA SER C 136 44.72 5.17 -9.60
C SER C 136 44.93 5.66 -8.18
N GLU C 137 44.48 4.85 -7.20
CA GLU C 137 44.65 5.16 -5.78
C GLU C 137 44.09 6.53 -5.42
N GLY C 138 43.03 6.95 -6.10
CA GLY C 138 42.49 8.29 -6.07
C GLY C 138 41.78 8.58 -4.75
N LEU C 139 41.05 7.59 -4.17
CA LEU C 139 40.10 7.91 -3.11
C LEU C 139 40.23 6.94 -1.94
N ALA C 140 39.85 7.37 -0.75
CA ALA C 140 39.72 6.53 0.44
C ALA C 140 38.46 7.00 1.15
N VAL C 141 37.57 6.06 1.48
CA VAL C 141 36.32 6.41 2.13
C VAL C 141 36.30 5.71 3.47
N LEU C 142 35.84 6.45 4.50
CA LEU C 142 35.56 5.86 5.79
C LEU C 142 34.06 5.64 5.86
N ALA C 143 33.65 4.44 6.27
CA ALA C 143 32.22 4.14 6.36
C ALA C 143 31.86 3.79 7.79
N VAL C 144 30.80 4.47 8.28
CA VAL C 144 30.27 4.17 9.60
C VAL C 144 28.84 3.64 9.48
N LEU C 145 28.62 2.46 10.07
CA LEU C 145 27.29 1.87 10.05
C LEU C 145 26.47 2.51 11.18
N ILE C 146 25.18 2.77 10.89
CA ILE C 146 24.33 3.50 11.85
C ILE C 146 23.19 2.56 12.21
N GLU C 147 22.94 2.38 13.53
CA GLU C 147 21.75 1.66 14.00
C GLU C 147 20.95 2.54 14.95
N MET C 148 19.68 2.18 15.14
CA MET C 148 18.83 2.93 16.06
C MET C 148 19.25 2.62 17.51
N GLY C 149 19.23 3.67 18.35
CA GLY C 149 19.42 3.53 19.79
C GLY C 149 19.27 4.90 20.45
N SER C 150 20.31 5.28 21.21
CA SER C 150 20.38 6.54 21.96
C SER C 150 20.46 7.73 21.02
N PHE C 151 19.88 8.87 21.44
CA PHE C 151 20.00 10.13 20.71
C PHE C 151 21.50 10.42 20.62
N ASN C 152 21.91 10.98 19.47
CA ASN C 152 23.29 11.29 19.18
C ASN C 152 23.45 12.78 18.90
N PRO C 153 23.99 13.53 19.88
CA PRO C 153 24.19 14.97 19.70
C PRO C 153 25.11 15.37 18.53
N SER C 154 26.09 14.52 18.20
CA SER C 154 26.99 14.85 17.11
C SER C 154 26.29 14.74 15.76
N TYR C 155 25.47 13.66 15.59
CA TYR C 155 24.76 13.53 14.32
C TYR C 155 23.75 14.66 14.15
N ASP C 156 23.28 15.22 15.26
CA ASP C 156 22.24 16.24 15.20
C ASP C 156 22.78 17.58 14.69
N LYS C 157 24.12 17.71 14.67
CA LYS C 157 24.79 18.89 14.16
C LYS C 157 24.65 18.92 12.64
N ILE C 158 24.35 17.75 12.05
CA ILE C 158 23.97 17.78 10.65
C ILE C 158 22.45 17.87 10.57
N PHE C 159 21.78 16.96 11.30
CA PHE C 159 20.38 16.66 11.05
C PHE C 159 19.52 17.89 11.34
N SER C 160 20.06 18.78 12.17
CA SER C 160 19.29 19.93 12.62
C SER C 160 19.15 20.98 11.53
N HIS C 161 19.83 20.76 10.40
CA HIS C 161 19.84 21.71 9.30
C HIS C 161 19.11 21.18 8.07
N LEU C 162 18.59 19.95 8.15
CA LEU C 162 18.01 19.37 6.96
C LEU C 162 16.83 20.15 6.41
N GLN C 163 16.07 20.91 7.23
CA GLN C 163 14.90 21.61 6.69
C GLN C 163 15.30 22.82 5.82
N HIS C 164 16.60 23.17 5.82
CA HIS C 164 17.07 24.27 4.99
C HIS C 164 17.47 23.82 3.58
N VAL C 165 17.57 22.49 3.39
CA VAL C 165 18.00 21.97 2.10
C VAL C 165 17.01 20.90 1.64
N LYS C 166 15.70 21.19 1.77
CA LYS C 166 14.71 20.18 1.47
C LYS C 166 14.67 19.85 -0.01
N TYR C 167 15.05 20.77 -0.90
CA TYR C 167 14.87 20.47 -2.29
C TYR C 167 16.22 20.31 -3.00
N LYS C 168 16.19 19.60 -4.12
CA LYS C 168 17.39 19.40 -4.94
C LYS C 168 17.97 20.77 -5.34
N GLY C 169 19.29 20.92 -5.17
CA GLY C 169 19.99 22.12 -5.60
C GLY C 169 20.16 23.10 -4.44
N GLN C 170 19.40 22.92 -3.34
CA GLN C 170 19.46 23.88 -2.26
C GLN C 170 20.70 23.69 -1.39
N GLU C 171 21.16 24.81 -0.83
CA GLU C 171 22.39 24.83 -0.04
C GLU C 171 22.22 25.62 1.25
N ALA C 172 22.95 25.23 2.29
CA ALA C 172 22.97 25.97 3.55
C ALA C 172 24.26 25.77 4.32
N PHE C 173 24.67 26.74 5.14
CA PHE C 173 25.95 26.69 5.86
C PHE C 173 25.70 26.08 7.24
N VAL C 174 26.44 25.00 7.55
CA VAL C 174 26.44 24.34 8.85
C VAL C 174 27.65 24.90 9.59
N PRO C 175 27.58 25.27 10.90
CA PRO C 175 28.78 25.63 11.64
C PRO C 175 29.63 24.36 11.80
N GLY C 176 30.95 24.55 11.93
CA GLY C 176 31.96 23.52 12.12
C GLY C 176 31.73 22.80 13.45
N PHE C 177 32.15 21.53 13.51
CA PHE C 177 32.16 20.70 14.72
C PHE C 177 33.22 19.62 14.53
N ASN C 178 33.46 18.80 15.56
CA ASN C 178 34.52 17.83 15.53
C ASN C 178 33.99 16.59 14.81
N ILE C 179 34.45 16.42 13.56
CA ILE C 179 33.93 15.37 12.70
C ILE C 179 34.23 14.01 13.31
N GLU C 180 35.28 13.96 14.12
CA GLU C 180 35.64 12.71 14.76
C GLU C 180 34.52 12.21 15.69
N GLU C 181 33.64 13.07 16.18
CA GLU C 181 32.53 12.61 17.01
C GLU C 181 31.53 11.74 16.23
N LEU C 182 31.58 11.76 14.88
CA LEU C 182 30.69 10.95 14.05
C LEU C 182 31.19 9.52 13.92
N LEU C 183 32.44 9.29 14.36
CA LEU C 183 33.09 7.99 14.29
C LEU C 183 32.69 7.13 15.49
N PRO C 184 32.65 5.80 15.32
CA PRO C 184 32.24 4.89 16.39
C PRO C 184 33.36 4.60 17.40
N GLU C 185 33.01 3.79 18.39
CA GLU C 185 33.94 3.24 19.36
C GLU C 185 34.96 2.34 18.69
N ARG C 186 36.17 2.34 19.26
CA ARG C 186 37.26 1.48 18.81
C ARG C 186 37.47 1.57 17.29
N THR C 187 37.80 2.78 16.83
CA THR C 187 38.10 2.90 15.41
C THR C 187 39.22 1.97 14.96
N ALA C 188 39.98 1.38 15.90
CA ALA C 188 41.09 0.52 15.47
C ALA C 188 40.60 -0.81 14.87
N GLU C 189 39.33 -1.16 15.10
CA GLU C 189 38.68 -2.34 14.56
C GLU C 189 37.90 -1.99 13.28
N TYR C 190 38.36 -2.51 12.14
CA TYR C 190 37.73 -2.16 10.88
C TYR C 190 37.99 -3.22 9.82
N TYR C 191 37.12 -3.22 8.80
CA TYR C 191 37.30 -3.99 7.58
C TYR C 191 37.95 -3.11 6.52
N ARG C 192 38.76 -3.76 5.67
CA ARG C 192 39.46 -3.02 4.61
C ARG C 192 39.38 -3.81 3.31
N TYR C 193 39.03 -3.14 2.22
CA TYR C 193 39.12 -3.77 0.90
C TYR C 193 39.21 -2.68 -0.17
N ARG C 194 39.69 -3.09 -1.34
CA ARG C 194 39.74 -2.19 -2.49
C ARG C 194 38.45 -2.33 -3.28
N GLY C 195 37.77 -1.20 -3.49
CA GLY C 195 36.49 -1.22 -4.16
C GLY C 195 36.26 0.03 -4.98
N SER C 196 34.98 0.43 -5.03
CA SER C 196 34.62 1.49 -5.97
C SER C 196 33.79 2.56 -5.26
N LEU C 197 33.60 3.66 -5.97
CA LEU C 197 32.50 4.55 -5.67
C LEU C 197 31.17 3.77 -5.74
N THR C 198 30.23 4.07 -4.84
CA THR C 198 28.96 3.37 -4.91
C THR C 198 27.89 4.18 -5.63
N THR C 199 28.32 5.30 -6.26
CA THR C 199 27.46 6.09 -7.11
C THR C 199 28.23 6.33 -8.39
N PRO C 200 27.52 6.67 -9.49
CA PRO C 200 28.19 7.01 -10.75
C PRO C 200 29.22 8.11 -10.53
N PRO C 201 30.41 8.03 -11.15
CA PRO C 201 30.75 7.05 -12.17
C PRO C 201 31.28 5.68 -11.78
N CYS C 202 31.16 5.37 -10.48
CA CYS C 202 31.46 4.02 -9.96
C CYS C 202 32.93 3.64 -10.13
N ASN C 203 33.84 4.63 -10.16
CA ASN C 203 35.21 4.29 -10.45
C ASN C 203 35.78 3.33 -9.42
N PRO C 204 36.59 2.35 -9.86
CA PRO C 204 37.18 1.36 -8.93
C PRO C 204 38.47 1.89 -8.32
N THR C 205 38.34 3.03 -7.64
CA THR C 205 39.49 3.79 -7.18
C THR C 205 39.43 4.06 -5.67
N VAL C 206 38.57 3.32 -4.93
CA VAL C 206 38.36 3.58 -3.53
C VAL C 206 39.00 2.52 -2.63
N LEU C 207 39.85 2.97 -1.68
CA LEU C 207 40.26 2.14 -0.55
C LEU C 207 39.21 2.27 0.53
N TRP C 208 38.45 1.19 0.80
CA TRP C 208 37.38 1.25 1.81
C TRP C 208 37.86 0.87 3.18
N THR C 209 37.40 1.62 4.18
CA THR C 209 37.56 1.28 5.56
C THR C 209 36.18 1.34 6.21
N VAL C 210 35.61 0.19 6.58
CA VAL C 210 34.29 0.15 7.18
C VAL C 210 34.55 -0.19 8.65
N PHE C 211 34.16 0.70 9.56
CA PHE C 211 34.43 0.36 10.94
C PHE C 211 33.56 -0.81 11.42
N ARG C 212 34.13 -1.64 12.31
CA ARG C 212 33.44 -2.83 12.76
C ARG C 212 32.22 -2.47 13.62
N ASN C 213 32.34 -1.42 14.45
CA ASN C 213 31.31 -1.09 15.42
C ASN C 213 30.39 0.01 14.90
N PRO C 214 29.05 -0.16 14.97
CA PRO C 214 28.12 0.86 14.49
C PRO C 214 27.97 2.02 15.48
N VAL C 215 27.51 3.18 15.01
CA VAL C 215 27.03 4.22 15.93
C VAL C 215 25.52 4.08 16.07
N GLN C 216 24.99 4.77 17.08
CA GLN C 216 23.56 4.85 17.35
C GLN C 216 23.03 6.28 17.15
N ILE C 217 21.82 6.35 16.59
CA ILE C 217 21.01 7.55 16.48
C ILE C 217 19.60 7.18 16.94
N SER C 218 18.84 8.19 17.45
CA SER C 218 17.54 7.83 17.99
C SER C 218 16.62 7.47 16.83
N GLN C 219 15.53 6.78 17.18
CA GLN C 219 14.41 6.57 16.28
C GLN C 219 13.98 7.91 15.67
N GLU C 220 13.95 8.96 16.51
CA GLU C 220 13.49 10.25 16.02
C GLU C 220 14.48 10.83 15.02
N GLN C 221 15.78 10.69 15.29
CA GLN C 221 16.76 11.21 14.35
C GLN C 221 16.76 10.46 13.02
N LEU C 222 16.59 9.12 13.08
CA LEU C 222 16.45 8.34 11.84
C LEU C 222 15.23 8.70 11.01
N LEU C 223 14.03 8.78 11.67
CA LEU C 223 12.84 9.26 10.98
C LEU C 223 13.02 10.64 10.35
N ALA C 224 13.70 11.54 11.06
CA ALA C 224 13.94 12.88 10.54
C ALA C 224 14.74 12.82 9.25
N LEU C 225 15.82 12.00 9.24
CA LEU C 225 16.70 11.86 8.07
C LEU C 225 15.90 11.31 6.89
N GLU C 226 15.05 10.31 7.18
CA GLU C 226 14.30 9.61 6.13
C GLU C 226 13.18 10.46 5.56
N THR C 227 12.75 11.50 6.30
CA THR C 227 11.52 12.19 5.90
C THR C 227 11.75 13.67 5.59
N ALA C 228 12.99 14.13 5.72
CA ALA C 228 13.27 15.55 5.62
C ALA C 228 13.45 16.03 4.16
N LEU C 229 13.98 15.20 3.25
CA LEU C 229 14.38 15.72 1.94
C LEU C 229 13.57 15.18 0.78
N TYR C 230 13.40 16.03 -0.21
CA TYR C 230 12.95 15.62 -1.50
C TYR C 230 14.20 15.48 -2.37
N CYS C 231 14.06 14.74 -3.48
CA CYS C 231 15.13 14.57 -4.44
C CYS C 231 14.83 15.44 -5.66
N THR C 232 13.75 16.23 -5.57
CA THR C 232 13.30 17.04 -6.70
C THR C 232 13.52 18.52 -6.42
N HIS C 233 13.53 19.33 -7.51
CA HIS C 233 13.63 20.79 -7.42
C HIS C 233 12.37 21.38 -6.80
N MET C 234 12.54 22.49 -6.07
CA MET C 234 11.50 23.21 -5.36
C MET C 234 10.24 23.43 -6.19
N ASP C 235 10.40 23.74 -7.49
CA ASP C 235 9.23 24.10 -8.28
C ASP C 235 8.79 22.93 -9.17
N ASP C 236 8.97 21.69 -8.69
CA ASP C 236 8.51 20.49 -9.39
C ASP C 236 7.09 20.16 -8.91
N PRO C 237 6.08 20.08 -9.82
CA PRO C 237 4.70 19.81 -9.43
C PRO C 237 4.49 18.34 -9.02
N SER C 238 5.57 17.56 -9.16
CA SER C 238 5.56 16.12 -8.89
C SER C 238 6.72 15.77 -7.97
N PRO C 239 6.72 16.26 -6.71
CA PRO C 239 7.84 16.04 -5.80
C PRO C 239 7.99 14.57 -5.43
N ARG C 240 9.23 14.22 -5.15
CA ARG C 240 9.61 12.87 -4.80
C ARG C 240 10.48 12.92 -3.56
N GLU C 241 10.19 12.01 -2.61
CA GLU C 241 10.94 11.88 -1.36
C GLU C 241 12.36 11.35 -1.66
N MET C 242 13.35 11.88 -0.91
CA MET C 242 14.70 11.32 -0.98
C MET C 242 14.81 10.20 0.07
N ILE C 243 14.62 8.97 -0.44
CA ILE C 243 14.60 7.75 0.34
C ILE C 243 15.35 6.67 -0.47
N ASN C 244 15.75 5.63 0.25
CA ASN C 244 16.34 4.43 -0.35
C ASN C 244 17.53 4.76 -1.25
N ASN C 245 18.35 5.70 -0.77
CA ASN C 245 19.42 6.23 -1.61
C ASN C 245 20.72 5.48 -1.33
N PHE C 246 20.67 4.18 -1.60
CA PHE C 246 21.81 3.31 -1.36
C PHE C 246 21.83 2.32 -2.52
N ARG C 247 23.05 1.85 -2.85
CA ARG C 247 23.18 0.86 -3.91
C ARG C 247 23.04 -0.55 -3.33
N GLN C 248 22.38 -1.46 -4.10
CA GLN C 248 22.36 -2.88 -3.70
C GLN C 248 23.79 -3.46 -3.61
N VAL C 249 23.97 -4.51 -2.78
CA VAL C 249 25.29 -5.14 -2.68
C VAL C 249 25.67 -5.81 -4.00
N GLN C 250 27.00 -5.86 -4.24
CA GLN C 250 27.53 -6.39 -5.50
C GLN C 250 28.10 -7.77 -5.26
N LYS C 251 28.17 -8.57 -6.34
CA LYS C 251 28.92 -9.81 -6.19
C LYS C 251 30.38 -9.52 -5.88
N PHE C 252 30.98 -10.43 -5.11
CA PHE C 252 32.35 -10.29 -4.65
C PHE C 252 32.88 -11.70 -4.54
N ASP C 253 33.52 -12.14 -5.61
CA ASP C 253 33.84 -13.55 -5.79
C ASP C 253 35.36 -13.77 -5.79
N GLU C 254 35.78 -14.81 -5.05
CA GLU C 254 37.18 -15.20 -4.90
C GLU C 254 38.01 -14.00 -4.47
N ARG C 255 37.44 -13.17 -3.57
CA ARG C 255 38.19 -12.06 -2.99
C ARG C 255 38.01 -12.05 -1.48
N LEU C 256 38.96 -11.42 -0.77
CA LEU C 256 38.89 -11.29 0.66
C LEU C 256 38.66 -9.84 1.12
N VAL C 257 38.07 -9.74 2.31
CA VAL C 257 38.04 -8.49 3.06
C VAL C 257 39.00 -8.67 4.22
N TYR C 258 39.91 -7.76 4.39
CA TYR C 258 40.95 -7.86 5.40
C TYR C 258 40.45 -7.15 6.65
N THR C 259 40.78 -7.71 7.82
CA THR C 259 40.25 -7.13 9.03
C THR C 259 41.41 -6.78 9.97
N SER C 260 41.26 -5.68 10.72
CA SER C 260 42.33 -5.31 11.64
C SER C 260 42.17 -6.13 12.92
N PHE C 261 41.07 -6.84 13.04
CA PHE C 261 40.75 -7.59 14.24
C PHE C 261 40.78 -9.06 13.92
N SER C 262 41.15 -9.83 14.93
CA SER C 262 41.07 -11.26 14.74
C SER C 262 39.77 -11.81 15.34
N GLN C 263 39.64 -11.55 16.64
CA GLN C 263 38.57 -12.13 17.43
C GLN C 263 37.27 -11.34 17.22
N LYS D 3 24.58 -12.97 -25.65
CA LYS D 3 25.82 -13.27 -24.91
C LYS D 3 25.80 -12.64 -23.52
N TRP D 4 24.59 -12.35 -22.97
CA TRP D 4 24.57 -11.89 -21.59
C TRP D 4 25.12 -12.99 -20.69
N THR D 5 25.67 -12.58 -19.56
CA THR D 5 26.32 -13.48 -18.61
C THR D 5 26.06 -13.05 -17.18
N TYR D 6 26.63 -13.79 -16.20
CA TYR D 6 26.60 -13.38 -14.80
C TYR D 6 27.92 -12.88 -14.25
N PHE D 7 28.90 -12.73 -15.12
CA PHE D 7 30.22 -12.34 -14.65
C PHE D 7 30.90 -11.57 -15.77
N GLY D 8 31.46 -10.41 -15.44
CA GLY D 8 32.33 -9.75 -16.40
C GLY D 8 31.57 -8.64 -17.09
N PRO D 9 32.06 -8.12 -18.22
CA PRO D 9 31.42 -6.97 -18.86
C PRO D 9 30.00 -7.15 -19.37
N ASP D 10 29.54 -8.40 -19.55
CA ASP D 10 28.19 -8.67 -20.00
C ASP D 10 27.34 -9.19 -18.84
N GLY D 11 27.81 -8.92 -17.63
CA GLY D 11 27.11 -9.34 -16.42
C GLY D 11 25.97 -8.39 -16.02
N GLU D 12 25.38 -8.66 -14.85
CA GLU D 12 24.05 -8.16 -14.53
C GLU D 12 23.92 -6.64 -14.48
N ASN D 13 24.97 -5.90 -14.11
CA ASN D 13 24.86 -4.45 -14.09
C ASN D 13 24.86 -3.89 -15.53
N SER D 14 25.13 -4.74 -16.51
CA SER D 14 25.15 -4.31 -17.91
C SER D 14 23.95 -4.82 -18.69
N TRP D 15 23.10 -5.70 -18.12
CA TRP D 15 21.97 -6.22 -18.90
C TRP D 15 21.08 -5.11 -19.49
N SER D 16 20.88 -4.04 -18.74
CA SER D 16 19.95 -3.00 -19.18
C SER D 16 20.45 -2.31 -20.44
N LYS D 17 21.74 -2.47 -20.78
CA LYS D 17 22.23 -1.85 -22.01
C LYS D 17 21.59 -2.46 -23.25
N LYS D 18 21.24 -3.73 -23.22
CA LYS D 18 20.56 -4.39 -24.35
C LYS D 18 19.11 -4.77 -24.05
N TYR D 19 18.75 -4.85 -22.78
CA TYR D 19 17.44 -5.35 -22.37
C TYR D 19 16.86 -4.31 -21.42
N PRO D 20 16.14 -3.30 -21.93
CA PRO D 20 15.73 -2.18 -21.11
C PRO D 20 14.90 -2.53 -19.88
N SER D 21 14.09 -3.61 -19.96
CA SER D 21 13.29 -3.91 -18.78
C SER D 21 14.15 -4.31 -17.61
N CYS D 22 15.41 -4.75 -17.86
CA CYS D 22 16.28 -5.10 -16.74
C CYS D 22 16.62 -3.88 -15.91
N GLY D 23 16.39 -2.65 -16.43
CA GLY D 23 16.56 -1.39 -15.72
C GLY D 23 15.24 -0.70 -15.32
N GLY D 24 14.16 -1.43 -15.50
CA GLY D 24 12.82 -0.90 -15.24
C GLY D 24 12.34 -1.28 -13.84
N LEU D 25 11.04 -1.12 -13.60
CA LEU D 25 10.47 -1.35 -12.30
C LEU D 25 10.12 -2.83 -12.14
N LEU D 26 9.82 -3.18 -10.87
CA LEU D 26 9.20 -4.46 -10.50
C LEU D 26 10.13 -5.64 -10.79
N GLN D 27 11.41 -5.43 -10.50
CA GLN D 27 12.37 -6.47 -10.82
C GLN D 27 12.49 -7.49 -9.71
N SER D 28 12.88 -8.69 -10.09
CA SER D 28 13.15 -9.84 -9.21
C SER D 28 14.59 -10.29 -9.35
N PRO D 29 15.19 -10.99 -8.39
CA PRO D 29 14.55 -11.42 -7.12
C PRO D 29 14.63 -10.34 -6.07
N ILE D 30 14.10 -10.70 -4.89
CA ILE D 30 14.11 -9.76 -3.77
C ILE D 30 14.45 -10.51 -2.50
N ASP D 31 14.79 -9.72 -1.45
CA ASP D 31 15.04 -10.27 -0.12
C ASP D 31 13.74 -10.25 0.68
N LEU D 32 13.38 -11.40 1.22
CA LEU D 32 12.12 -11.56 1.93
C LEU D 32 12.42 -11.33 3.41
N HIS D 33 11.99 -10.16 3.92
CA HIS D 33 12.26 -9.87 5.31
C HIS D 33 11.06 -9.16 5.93
N SER D 34 11.04 -9.21 7.29
CA SER D 34 9.81 -8.97 8.04
C SER D 34 9.20 -7.61 7.70
N ASP D 35 10.00 -6.53 7.50
CA ASP D 35 9.37 -5.22 7.38
C ASP D 35 8.51 -5.08 6.13
N ILE D 36 8.72 -5.95 5.12
CA ILE D 36 7.97 -5.80 3.88
C ILE D 36 6.94 -6.90 3.67
N LEU D 37 6.73 -7.72 4.70
CA LEU D 37 5.78 -8.84 4.62
C LEU D 37 4.43 -8.42 5.18
N GLN D 38 3.36 -8.90 4.52
CA GLN D 38 2.05 -8.63 5.05
C GLN D 38 1.13 -9.83 4.79
N TYR D 39 0.47 -10.33 5.85
CA TYR D 39 -0.45 -11.44 5.69
C TYR D 39 -1.66 -11.05 4.82
N ASP D 40 -2.05 -11.94 3.90
CA ASP D 40 -3.20 -11.68 3.04
C ASP D 40 -4.04 -12.94 3.04
N ALA D 41 -5.27 -12.82 3.65
CA ALA D 41 -6.17 -13.94 3.71
C ALA D 41 -6.75 -14.35 2.35
N SER D 42 -6.46 -13.57 1.29
CA SER D 42 -6.96 -13.97 -0.03
C SER D 42 -6.07 -15.05 -0.65
N LEU D 43 -4.88 -15.29 -0.05
CA LEU D 43 -3.90 -16.21 -0.62
C LEU D 43 -4.23 -17.62 -0.19
N THR D 44 -5.11 -18.26 -0.99
CA THR D 44 -5.61 -19.60 -0.71
C THR D 44 -4.67 -20.64 -1.34
N PRO D 45 -4.80 -21.94 -1.04
CA PRO D 45 -3.80 -22.90 -1.51
C PRO D 45 -3.87 -23.16 -3.01
N LEU D 46 -2.70 -23.21 -3.64
CA LEU D 46 -2.67 -23.60 -5.03
C LEU D 46 -2.93 -25.09 -5.15
N GLU D 47 -3.45 -25.44 -6.32
CA GLU D 47 -3.57 -26.83 -6.70
C GLU D 47 -2.66 -27.09 -7.90
N PHE D 48 -1.92 -28.17 -7.79
CA PHE D 48 -0.96 -28.58 -8.81
C PHE D 48 -1.58 -29.73 -9.57
N GLN D 49 -1.96 -29.47 -10.83
CA GLN D 49 -2.71 -30.41 -11.66
C GLN D 49 -1.79 -30.95 -12.74
N GLY D 50 -1.80 -32.27 -12.94
CA GLY D 50 -1.07 -32.80 -14.05
C GLY D 50 0.44 -32.85 -13.80
N TYR D 51 0.84 -32.72 -12.52
CA TYR D 51 2.26 -32.69 -12.18
C TYR D 51 2.84 -34.10 -12.14
N ASN D 52 1.96 -35.12 -12.09
CA ASN D 52 2.48 -36.47 -11.97
C ASN D 52 2.73 -37.03 -13.36
N LEU D 53 3.92 -36.77 -13.90
CA LEU D 53 4.21 -37.15 -15.29
C LEU D 53 4.51 -38.65 -15.38
N SER D 54 4.05 -39.24 -16.48
CA SER D 54 4.19 -40.69 -16.63
C SER D 54 5.67 -41.04 -16.79
N ALA D 55 6.06 -42.10 -16.08
CA ALA D 55 7.42 -42.61 -16.19
C ALA D 55 7.67 -43.24 -17.56
N ASN D 56 6.62 -43.51 -18.34
CA ASN D 56 6.78 -44.03 -19.69
C ASN D 56 6.86 -42.96 -20.77
N LYS D 57 6.74 -41.69 -20.37
CA LYS D 57 6.96 -40.59 -21.28
C LYS D 57 8.31 -39.93 -20.93
N GLN D 58 8.78 -39.10 -21.83
CA GLN D 58 10.09 -38.51 -21.61
C GLN D 58 10.03 -37.03 -21.96
N PHE D 59 10.89 -36.25 -21.29
CA PHE D 59 10.83 -34.80 -21.31
C PHE D 59 12.25 -34.30 -21.54
N LEU D 60 12.36 -33.29 -22.39
CA LEU D 60 13.64 -32.77 -22.82
C LEU D 60 14.32 -31.89 -21.78
N LEU D 61 15.56 -32.27 -21.49
CA LEU D 61 16.48 -31.47 -20.68
C LEU D 61 17.51 -30.82 -21.59
N THR D 62 17.75 -29.51 -21.39
CA THR D 62 18.63 -28.83 -22.31
C THR D 62 19.54 -27.88 -21.52
N ASN D 63 20.82 -27.81 -21.91
CA ASN D 63 21.70 -26.75 -21.40
C ASN D 63 21.57 -25.58 -22.37
N ASN D 64 21.05 -24.44 -21.90
CA ASN D 64 20.77 -23.36 -22.85
C ASN D 64 21.79 -22.23 -22.74
N GLY D 65 22.90 -22.56 -22.08
CA GLY D 65 23.98 -21.61 -21.89
C GLY D 65 23.84 -20.77 -20.62
N HIS D 66 22.67 -20.80 -19.97
CA HIS D 66 22.44 -19.96 -18.79
C HIS D 66 22.02 -20.78 -17.58
N SER D 67 21.31 -21.89 -17.84
CA SER D 67 20.90 -22.82 -16.80
C SER D 67 20.73 -24.18 -17.45
N VAL D 68 20.24 -25.13 -16.68
CA VAL D 68 19.75 -26.39 -17.26
C VAL D 68 18.23 -26.36 -17.15
N LYS D 69 17.53 -26.69 -18.23
CA LYS D 69 16.07 -26.54 -18.22
C LYS D 69 15.42 -27.85 -18.63
N LEU D 70 14.31 -28.16 -18.00
CA LEU D 70 13.50 -29.32 -18.36
C LEU D 70 12.20 -28.79 -18.93
N ASN D 71 11.88 -29.24 -20.14
CA ASN D 71 10.63 -28.83 -20.75
C ASN D 71 9.47 -29.58 -20.11
N LEU D 72 8.37 -28.88 -19.92
CA LEU D 72 7.22 -29.46 -19.25
C LEU D 72 5.99 -29.36 -20.16
N PRO D 73 5.04 -30.29 -20.03
CA PRO D 73 3.85 -30.26 -20.92
C PRO D 73 2.77 -29.29 -20.49
N SER D 74 2.06 -28.73 -21.48
CA SER D 74 1.09 -27.70 -21.13
C SER D 74 -0.13 -28.26 -20.40
N ASP D 75 -0.31 -29.60 -20.37
CA ASP D 75 -1.38 -30.19 -19.60
C ASP D 75 -1.12 -30.03 -18.10
N MET D 76 0.14 -29.79 -17.71
CA MET D 76 0.45 -29.54 -16.31
C MET D 76 0.07 -28.09 -15.99
N HIS D 77 -0.69 -27.86 -14.90
CA HIS D 77 -1.11 -26.49 -14.64
C HIS D 77 -1.23 -26.18 -13.18
N ILE D 78 -1.31 -24.88 -12.87
CA ILE D 78 -1.69 -24.43 -11.53
C ILE D 78 -3.12 -23.91 -11.58
N GLN D 79 -3.88 -24.25 -10.54
CA GLN D 79 -5.18 -23.64 -10.33
C GLN D 79 -5.13 -22.86 -9.03
N GLY D 80 -5.88 -21.75 -8.99
CA GLY D 80 -5.89 -20.98 -7.75
C GLY D 80 -5.64 -19.50 -8.01
N LEU D 81 -5.00 -19.17 -9.14
CA LEU D 81 -4.64 -17.79 -9.41
C LEU D 81 -5.79 -17.17 -10.19
N GLN D 82 -5.60 -15.96 -10.73
CA GLN D 82 -6.69 -15.23 -11.40
C GLN D 82 -7.01 -15.86 -12.76
N SER D 83 -6.12 -16.71 -13.28
CA SER D 83 -6.23 -17.37 -14.59
C SER D 83 -5.60 -18.73 -14.42
N ARG D 84 -5.89 -19.66 -15.35
CA ARG D 84 -5.14 -20.89 -15.44
C ARG D 84 -3.75 -20.59 -16.00
N TYR D 85 -2.72 -21.08 -15.30
CA TYR D 85 -1.35 -21.02 -15.79
C TYR D 85 -0.85 -22.42 -16.08
N SER D 86 -0.32 -22.58 -17.29
CA SER D 86 0.15 -23.89 -17.76
C SER D 86 1.68 -23.95 -17.74
N ALA D 87 2.20 -25.12 -17.39
CA ALA D 87 3.66 -25.23 -17.26
C ALA D 87 4.33 -25.12 -18.63
N THR D 88 5.57 -24.61 -18.60
CA THR D 88 6.44 -24.54 -19.78
C THR D 88 7.81 -25.20 -19.54
N GLN D 89 8.42 -24.92 -18.38
CA GLN D 89 9.77 -25.46 -18.14
C GLN D 89 10.09 -25.25 -16.66
N LEU D 90 11.02 -26.04 -16.15
CA LEU D 90 11.68 -25.73 -14.88
C LEU D 90 13.19 -25.64 -15.08
N HIS D 91 13.85 -24.88 -14.21
CA HIS D 91 15.30 -24.72 -14.28
C HIS D 91 15.79 -24.33 -12.90
N LEU D 92 17.12 -24.21 -12.76
CA LEU D 92 17.72 -23.97 -11.46
C LEU D 92 18.72 -22.82 -11.53
N HIS D 93 19.03 -22.34 -10.34
CA HIS D 93 20.07 -21.31 -10.13
C HIS D 93 20.91 -21.75 -8.94
N TRP D 94 22.24 -21.54 -9.06
CA TRP D 94 23.19 -22.05 -8.05
C TRP D 94 24.45 -21.18 -7.98
N GLY D 95 25.28 -21.52 -7.00
CA GLY D 95 26.53 -20.76 -6.79
C GLY D 95 27.73 -21.52 -7.36
N ASN D 96 28.68 -21.84 -6.46
CA ASN D 96 29.85 -22.52 -6.98
C ASN D 96 30.42 -23.32 -5.82
N PRO D 97 31.42 -24.22 -6.07
CA PRO D 97 31.90 -25.14 -5.04
C PRO D 97 32.46 -24.40 -3.83
N ASN D 98 33.04 -23.23 -4.05
CA ASN D 98 33.66 -22.45 -2.98
C ASN D 98 32.66 -21.54 -2.28
N ASP D 99 31.44 -21.39 -2.82
CA ASP D 99 30.42 -20.51 -2.25
C ASP D 99 29.04 -21.06 -2.63
N PRO D 100 28.57 -22.12 -1.96
CA PRO D 100 27.36 -22.83 -2.39
C PRO D 100 26.13 -22.11 -1.82
N HIS D 101 25.98 -20.85 -2.23
CA HIS D 101 24.93 -19.98 -1.71
C HIS D 101 24.35 -19.16 -2.87
N GLY D 102 23.70 -19.86 -3.80
CA GLY D 102 23.34 -19.24 -5.07
C GLY D 102 21.83 -19.21 -5.31
N SER D 103 21.00 -19.21 -4.26
CA SER D 103 19.59 -18.91 -4.49
C SER D 103 19.44 -17.48 -4.99
N GLU D 104 18.33 -17.21 -5.65
CA GLU D 104 18.05 -15.86 -6.14
C GLU D 104 17.35 -15.07 -5.05
N HIS D 105 16.19 -15.54 -4.60
CA HIS D 105 15.55 -14.93 -3.44
C HIS D 105 16.37 -15.25 -2.21
N THR D 106 16.35 -14.30 -1.28
CA THR D 106 17.02 -14.47 0.00
C THR D 106 15.97 -14.27 1.10
N VAL D 107 16.25 -14.85 2.30
CA VAL D 107 15.31 -14.71 3.40
C VAL D 107 16.11 -14.10 4.55
N SER D 108 15.62 -12.95 4.98
CA SER D 108 16.26 -12.17 6.05
C SER D 108 17.74 -12.01 5.73
N GLY D 109 18.05 -11.71 4.47
CA GLY D 109 19.41 -11.46 4.06
C GLY D 109 20.30 -12.67 3.71
N GLN D 110 19.76 -13.89 3.83
CA GLN D 110 20.54 -15.11 3.73
C GLN D 110 20.15 -15.83 2.44
N HIS D 111 21.17 -16.20 1.66
CA HIS D 111 20.99 -17.08 0.49
C HIS D 111 20.86 -18.52 0.92
N PHE D 112 19.98 -19.24 0.26
CA PHE D 112 20.02 -20.68 0.31
C PHE D 112 21.01 -21.18 -0.74
N ALA D 113 21.22 -22.51 -0.76
CA ALA D 113 22.23 -23.07 -1.65
C ALA D 113 21.89 -22.89 -3.13
N ALA D 114 20.61 -23.08 -3.47
CA ALA D 114 20.20 -23.04 -4.89
C ALA D 114 18.69 -22.74 -4.89
N GLU D 115 18.11 -22.63 -6.09
CA GLU D 115 16.68 -22.32 -6.19
C GLU D 115 16.14 -22.98 -7.46
N LEU D 116 14.96 -23.60 -7.36
CA LEU D 116 14.24 -24.16 -8.49
C LEU D 116 13.12 -23.22 -8.90
N HIS D 117 13.03 -22.95 -10.23
CA HIS D 117 11.87 -22.20 -10.72
C HIS D 117 11.08 -23.08 -11.69
N ILE D 118 9.78 -23.22 -11.38
CA ILE D 118 8.89 -23.91 -12.32
C ILE D 118 8.06 -22.81 -12.98
N VAL D 119 8.28 -22.64 -14.30
CA VAL D 119 7.69 -21.49 -15.02
C VAL D 119 6.42 -21.96 -15.72
N HIS D 120 5.39 -21.12 -15.56
CA HIS D 120 4.07 -21.33 -16.18
C HIS D 120 3.67 -20.06 -16.91
N TYR D 121 2.82 -20.23 -17.91
CA TYR D 121 2.35 -19.08 -18.68
C TYR D 121 0.81 -19.06 -18.66
N ASN D 122 0.27 -17.85 -18.87
CA ASN D 122 -1.17 -17.60 -18.82
C ASN D 122 -1.84 -18.13 -20.08
N SER D 123 -2.30 -19.38 -19.99
CA SER D 123 -2.90 -20.05 -21.15
C SER D 123 -4.36 -19.64 -21.38
N ASP D 124 -4.96 -18.89 -20.46
CA ASP D 124 -6.28 -18.30 -20.73
C ASP D 124 -6.12 -17.12 -21.70
N LEU D 125 -4.98 -16.42 -21.68
CA LEU D 125 -4.81 -15.21 -22.49
C LEU D 125 -3.91 -15.48 -23.71
N TYR D 126 -2.93 -16.38 -23.58
CA TYR D 126 -1.85 -16.46 -24.56
C TYR D 126 -1.68 -17.86 -25.08
N PRO D 127 -1.30 -18.01 -26.38
CA PRO D 127 -1.22 -19.32 -26.99
C PRO D 127 0.00 -20.13 -26.58
N ASP D 128 1.02 -19.45 -26.10
CA ASP D 128 2.25 -20.13 -25.77
C ASP D 128 3.14 -19.25 -24.88
N ALA D 129 4.16 -19.83 -24.26
CA ALA D 129 4.91 -19.12 -23.26
C ALA D 129 5.74 -17.96 -23.84
N SER D 130 6.29 -18.15 -25.06
CA SER D 130 7.08 -17.09 -25.67
C SER D 130 6.21 -15.86 -25.88
N THR D 131 5.01 -16.10 -26.43
CA THR D 131 4.06 -14.99 -26.63
C THR D 131 3.70 -14.32 -25.31
N ALA D 132 3.50 -15.13 -24.27
CA ALA D 132 3.10 -14.63 -22.97
C ALA D 132 4.16 -13.79 -22.26
N SER D 133 5.45 -14.06 -22.54
CA SER D 133 6.53 -13.64 -21.67
C SER D 133 6.66 -12.13 -21.53
N ASN D 134 6.28 -11.36 -22.58
CA ASN D 134 6.40 -9.92 -22.50
C ASN D 134 5.05 -9.22 -22.41
N LYS D 135 4.05 -9.98 -21.96
CA LYS D 135 2.68 -9.48 -21.98
C LYS D 135 2.07 -9.50 -20.59
N SER D 136 1.07 -8.64 -20.45
CA SER D 136 0.37 -8.47 -19.19
C SER D 136 -0.08 -9.81 -18.59
N GLU D 137 0.25 -10.00 -17.30
CA GLU D 137 -0.21 -11.20 -16.62
C GLU D 137 0.34 -12.47 -17.27
N GLY D 138 1.45 -12.34 -18.00
CA GLY D 138 1.93 -13.44 -18.81
C GLY D 138 2.39 -14.72 -18.07
N LEU D 139 3.09 -14.54 -16.93
CA LEU D 139 3.82 -15.70 -16.38
C LEU D 139 3.54 -15.82 -14.89
N ALA D 140 3.66 -17.07 -14.41
CA ALA D 140 3.63 -17.33 -12.97
C ALA D 140 4.75 -18.33 -12.70
N VAL D 141 5.60 -17.99 -11.71
CA VAL D 141 6.70 -18.88 -11.40
C VAL D 141 6.55 -19.37 -9.99
N LEU D 142 6.77 -20.65 -9.79
CA LEU D 142 6.89 -21.21 -8.46
C LEU D 142 8.38 -21.34 -8.15
N ALA D 143 8.76 -20.84 -6.99
CA ALA D 143 10.16 -20.87 -6.55
C ALA D 143 10.27 -21.76 -5.31
N VAL D 144 11.20 -22.70 -5.40
CA VAL D 144 11.55 -23.55 -4.25
C VAL D 144 12.98 -23.23 -3.85
N LEU D 145 13.13 -22.82 -2.59
CA LEU D 145 14.47 -22.58 -2.03
C LEU D 145 15.08 -23.93 -1.69
N ILE D 146 16.36 -24.11 -1.99
CA ILE D 146 17.07 -25.38 -1.80
C ILE D 146 18.21 -25.19 -0.83
N GLU D 147 18.16 -25.91 0.31
N GLU D 147 18.17 -26.00 0.23
CA GLU D 147 19.17 -25.86 1.36
CA GLU D 147 19.16 -25.99 1.29
C GLU D 147 20.05 -27.11 1.26
C GLU D 147 20.11 -27.16 1.10
N MET D 148 21.38 -26.97 1.48
CA MET D 148 22.27 -28.12 1.57
C MET D 148 21.85 -29.00 2.74
N GLY D 149 21.60 -30.25 2.42
CA GLY D 149 21.06 -31.17 3.42
C GLY D 149 21.17 -32.63 3.01
N SER D 150 20.06 -33.35 3.15
CA SER D 150 20.02 -34.77 2.75
C SER D 150 19.93 -34.95 1.23
N PHE D 151 20.47 -36.08 0.77
CA PHE D 151 20.28 -36.53 -0.60
C PHE D 151 18.80 -36.54 -0.93
N ASN D 152 18.47 -36.05 -2.14
CA ASN D 152 17.09 -35.96 -2.54
C ASN D 152 16.89 -36.80 -3.81
N PRO D 153 16.33 -38.02 -3.70
N PRO D 153 16.19 -37.94 -3.73
CA PRO D 153 16.09 -38.88 -4.86
CA PRO D 153 16.13 -38.85 -4.87
C PRO D 153 15.25 -38.27 -5.96
C PRO D 153 15.29 -38.23 -5.97
N SER D 154 14.37 -37.32 -5.62
CA SER D 154 13.52 -36.73 -6.65
C SER D 154 14.30 -35.72 -7.48
N TYR D 155 15.07 -34.82 -6.82
CA TYR D 155 15.93 -33.94 -7.59
C TYR D 155 16.98 -34.74 -8.38
N ASP D 156 17.35 -35.93 -7.87
CA ASP D 156 18.36 -36.65 -8.63
C ASP D 156 17.81 -37.20 -9.96
N LYS D 157 16.47 -37.31 -10.08
CA LYS D 157 15.95 -37.71 -11.39
C LYS D 157 16.33 -36.69 -12.46
N ILE D 158 16.64 -35.45 -12.10
CA ILE D 158 17.14 -34.47 -13.04
C ILE D 158 18.64 -34.56 -13.03
N PHE D 159 19.26 -34.53 -11.81
CA PHE D 159 20.71 -34.35 -11.77
C PHE D 159 21.48 -35.55 -12.34
N SER D 160 20.88 -36.74 -12.38
CA SER D 160 21.60 -37.88 -12.97
C SER D 160 21.87 -37.73 -14.45
N HIS D 161 21.24 -36.75 -15.10
CA HIS D 161 21.38 -36.52 -16.53
C HIS D 161 22.35 -35.38 -16.83
N LEU D 162 22.93 -34.74 -15.80
CA LEU D 162 23.73 -33.53 -16.02
C LEU D 162 24.91 -33.82 -16.93
N GLN D 163 25.49 -35.02 -16.79
CA GLN D 163 26.70 -35.32 -17.54
C GLN D 163 26.45 -35.52 -19.04
N HIS D 164 25.19 -35.54 -19.47
CA HIS D 164 24.82 -35.59 -20.87
C HIS D 164 24.42 -34.25 -21.45
N VAL D 165 24.46 -33.18 -20.62
CA VAL D 165 24.13 -31.86 -21.13
C VAL D 165 25.21 -30.87 -20.72
N LYS D 166 26.48 -31.34 -20.75
CA LYS D 166 27.56 -30.52 -20.24
C LYS D 166 27.70 -29.17 -20.96
N TYR D 167 27.47 -29.13 -22.29
CA TYR D 167 27.75 -27.94 -23.09
C TYR D 167 26.49 -27.31 -23.70
N LYS D 168 26.54 -25.99 -23.94
CA LYS D 168 25.43 -25.22 -24.47
C LYS D 168 24.90 -25.94 -25.71
N GLY D 169 23.59 -26.15 -25.73
CA GLY D 169 22.94 -26.76 -26.88
C GLY D 169 22.67 -28.26 -26.73
N GLN D 170 23.38 -28.92 -25.83
CA GLN D 170 23.23 -30.34 -25.62
C GLN D 170 21.89 -30.63 -24.93
N GLU D 171 21.33 -31.79 -25.25
CA GLU D 171 19.99 -32.15 -24.80
C GLU D 171 19.99 -33.64 -24.41
N ALA D 172 19.12 -33.97 -23.46
CA ALA D 172 18.98 -35.36 -23.01
C ALA D 172 17.51 -35.56 -22.69
N PHE D 173 17.04 -36.80 -22.64
CA PHE D 173 15.66 -37.00 -22.24
C PHE D 173 15.60 -37.58 -20.84
N VAL D 174 14.65 -37.05 -20.09
CA VAL D 174 14.40 -37.42 -18.71
C VAL D 174 13.04 -38.14 -18.68
N PRO D 175 12.97 -39.39 -18.17
CA PRO D 175 11.66 -40.00 -17.99
C PRO D 175 10.78 -39.21 -17.03
N GLY D 176 9.47 -39.25 -17.28
CA GLY D 176 8.56 -38.56 -16.40
C GLY D 176 8.64 -39.03 -14.94
N PHE D 177 8.41 -38.07 -14.05
CA PHE D 177 8.21 -38.35 -12.63
C PHE D 177 7.23 -37.34 -12.06
N ASN D 178 6.90 -37.50 -10.78
CA ASN D 178 5.95 -36.60 -10.18
C ASN D 178 6.68 -35.33 -9.77
N ILE D 179 6.47 -34.26 -10.55
CA ILE D 179 7.09 -32.98 -10.24
C ILE D 179 6.72 -32.42 -8.87
N GLU D 180 5.56 -32.82 -8.29
CA GLU D 180 5.20 -32.42 -6.95
C GLU D 180 6.26 -32.87 -5.95
N GLU D 181 7.02 -33.93 -6.26
CA GLU D 181 8.08 -34.36 -5.34
C GLU D 181 9.19 -33.32 -5.18
N LEU D 182 9.26 -32.36 -6.10
CA LEU D 182 10.27 -31.30 -6.00
C LEU D 182 9.80 -30.17 -5.08
N LEU D 183 8.52 -30.13 -4.71
CA LEU D 183 7.99 -29.07 -3.87
C LEU D 183 8.23 -29.40 -2.40
N PRO D 184 8.25 -28.37 -1.55
CA PRO D 184 8.49 -28.56 -0.12
C PRO D 184 7.23 -28.96 0.60
N GLU D 185 7.41 -29.12 1.93
N GLU D 185 7.39 -29.18 1.92
CA GLU D 185 6.35 -29.31 2.89
CA GLU D 185 6.26 -29.42 2.79
C GLU D 185 5.46 -28.08 2.93
C GLU D 185 5.48 -28.13 2.95
N ARG D 186 4.17 -28.30 3.22
CA ARG D 186 3.25 -27.21 3.51
C ARG D 186 3.24 -26.16 2.40
N THR D 187 2.93 -26.62 1.20
CA THR D 187 2.90 -25.66 0.08
C THR D 187 1.81 -24.61 0.24
N ALA D 188 0.85 -24.77 1.18
CA ALA D 188 -0.10 -23.70 1.41
C ALA D 188 0.54 -22.44 2.02
N GLU D 189 1.74 -22.55 2.55
CA GLU D 189 2.46 -21.44 3.15
C GLU D 189 3.49 -20.92 2.13
N TYR D 190 3.25 -19.69 1.71
CA TYR D 190 4.05 -19.11 0.63
C TYR D 190 4.05 -17.61 0.72
N TYR D 191 5.04 -17.02 0.04
CA TYR D 191 5.17 -15.61 -0.23
C TYR D 191 4.73 -15.35 -1.66
N ARG D 192 4.03 -14.24 -1.87
CA ARG D 192 3.51 -13.91 -3.21
C ARG D 192 3.81 -12.44 -3.50
N TYR D 193 4.35 -12.13 -4.69
CA TYR D 193 4.52 -10.71 -5.01
C TYR D 193 4.61 -10.59 -6.53
N ARG D 194 4.50 -9.36 -7.02
CA ARG D 194 4.57 -9.08 -8.45
C ARG D 194 5.99 -8.67 -8.85
N GLY D 195 6.56 -9.40 -9.81
CA GLY D 195 7.94 -9.16 -10.18
C GLY D 195 8.20 -9.42 -11.64
N SER D 196 9.43 -9.88 -11.91
CA SER D 196 9.90 -10.00 -13.27
C SER D 196 10.58 -11.34 -13.49
N LEU D 197 10.95 -11.58 -14.74
CA LEU D 197 11.97 -12.59 -15.01
C LEU D 197 13.28 -12.14 -14.36
N THR D 198 14.05 -13.13 -13.87
CA THR D 198 15.31 -12.72 -13.25
C THR D 198 16.49 -12.82 -14.22
N THR D 199 16.16 -13.05 -15.48
CA THR D 199 17.15 -13.10 -16.56
C THR D 199 16.66 -12.19 -17.65
N PRO D 200 17.57 -11.66 -18.49
CA PRO D 200 17.14 -10.92 -19.68
C PRO D 200 16.09 -11.72 -20.44
N PRO D 201 15.02 -11.10 -20.98
CA PRO D 201 14.83 -9.67 -20.97
C PRO D 201 14.25 -8.98 -19.75
N CYS D 202 14.12 -9.75 -18.65
CA CYS D 202 13.68 -9.18 -17.37
C CYS D 202 12.26 -8.60 -17.38
N ASN D 203 11.39 -9.19 -18.18
CA ASN D 203 10.07 -8.58 -18.36
C ASN D 203 9.32 -8.60 -17.03
N PRO D 204 8.67 -7.49 -16.63
CA PRO D 204 7.94 -7.40 -15.36
C PRO D 204 6.55 -8.03 -15.43
N THR D 205 6.50 -9.31 -15.80
CA THR D 205 5.28 -10.01 -16.16
C THR D 205 5.07 -11.28 -15.31
N VAL D 206 5.77 -11.37 -14.17
CA VAL D 206 5.75 -12.60 -13.40
C VAL D 206 5.02 -12.39 -12.08
N LEU D 207 4.05 -13.28 -11.85
CA LEU D 207 3.47 -13.40 -10.52
C LEU D 207 4.25 -14.48 -9.77
N TRP D 208 4.99 -14.08 -8.74
CA TRP D 208 5.89 -15.01 -8.05
C TRP D 208 5.19 -15.66 -6.87
N THR D 209 5.42 -16.95 -6.70
CA THR D 209 5.06 -17.65 -5.46
C THR D 209 6.34 -18.34 -5.00
N VAL D 210 6.83 -17.93 -3.81
CA VAL D 210 8.01 -18.55 -3.20
C VAL D 210 7.56 -19.36 -1.99
N PHE D 211 7.76 -20.69 -2.00
CA PHE D 211 7.25 -21.42 -0.84
C PHE D 211 8.05 -21.05 0.41
N ARG D 212 7.36 -21.11 1.56
CA ARG D 212 8.01 -20.70 2.82
C ARG D 212 9.09 -21.70 3.24
N ASN D 213 8.85 -22.97 2.99
CA ASN D 213 9.76 -24.00 3.46
C ASN D 213 10.72 -24.41 2.33
N PRO D 214 11.99 -24.66 2.66
N PRO D 214 12.03 -24.50 2.60
CA PRO D 214 12.91 -25.15 1.64
CA PRO D 214 12.93 -25.07 1.60
C PRO D 214 12.75 -26.64 1.43
C PRO D 214 12.91 -26.59 1.51
N VAL D 215 13.45 -27.12 0.40
CA VAL D 215 13.77 -28.55 0.31
C VAL D 215 15.26 -28.71 0.53
N GLN D 216 15.70 -29.95 0.65
CA GLN D 216 17.12 -30.21 0.78
C GLN D 216 17.63 -31.06 -0.38
N ILE D 217 18.87 -30.80 -0.82
CA ILE D 217 19.61 -31.75 -1.66
C ILE D 217 21.02 -31.84 -1.02
N SER D 218 21.76 -32.90 -1.33
CA SER D 218 23.05 -33.11 -0.62
C SER D 218 24.16 -32.24 -1.15
N GLN D 219 25.22 -32.14 -0.35
N GLN D 219 25.23 -32.11 -0.37
CA GLN D 219 26.47 -31.53 -0.77
CA GLN D 219 26.43 -31.45 -0.84
C GLN D 219 26.96 -32.11 -2.10
C GLN D 219 26.93 -32.10 -2.14
N GLU D 220 26.83 -33.43 -2.25
CA GLU D 220 27.34 -34.07 -3.46
C GLU D 220 26.45 -33.73 -4.66
N GLN D 221 25.14 -33.58 -4.43
CA GLN D 221 24.27 -33.17 -5.54
C GLN D 221 24.58 -31.74 -5.93
N LEU D 222 24.77 -30.86 -4.92
CA LEU D 222 25.09 -29.48 -5.25
C LEU D 222 26.43 -29.40 -5.97
N LEU D 223 27.43 -30.16 -5.53
CA LEU D 223 28.73 -30.11 -6.18
C LEU D 223 28.61 -30.57 -7.65
N ALA D 224 27.81 -31.60 -7.91
CA ALA D 224 27.60 -32.06 -9.28
C ALA D 224 26.94 -30.95 -10.10
N LEU D 225 25.90 -30.31 -9.55
CA LEU D 225 25.21 -29.26 -10.27
C LEU D 225 26.17 -28.10 -10.57
N GLU D 226 27.05 -27.74 -9.62
CA GLU D 226 27.99 -26.63 -9.67
C GLU D 226 29.17 -26.90 -10.59
N THR D 227 29.46 -28.17 -10.94
CA THR D 227 30.67 -28.49 -11.66
C THR D 227 30.37 -29.17 -13.00
N ALA D 228 29.11 -29.53 -13.29
CA ALA D 228 28.84 -30.37 -14.46
C ALA D 228 28.81 -29.53 -15.73
N LEU D 229 28.41 -28.27 -15.65
CA LEU D 229 27.93 -27.58 -16.84
C LEU D 229 28.84 -26.43 -17.25
N TYR D 230 28.85 -26.22 -18.56
CA TYR D 230 29.46 -25.04 -19.18
C TYR D 230 28.40 -24.18 -19.86
N CYS D 231 28.68 -22.86 -19.89
CA CYS D 231 27.82 -21.92 -20.57
C CYS D 231 28.10 -21.90 -22.08
N THR D 232 29.23 -22.48 -22.47
CA THR D 232 29.69 -22.40 -23.85
C THR D 232 29.45 -23.70 -24.60
N HIS D 233 29.45 -23.56 -25.94
CA HIS D 233 29.43 -24.69 -26.86
C HIS D 233 30.69 -25.53 -26.69
N MET D 234 30.57 -26.80 -27.01
CA MET D 234 31.63 -27.78 -26.82
C MET D 234 32.90 -27.33 -27.53
N ASP D 235 32.74 -26.55 -28.60
CA ASP D 235 33.83 -26.23 -29.50
C ASP D 235 34.37 -24.81 -29.26
N ASP D 236 33.89 -24.16 -28.21
CA ASP D 236 34.32 -22.80 -27.93
C ASP D 236 35.75 -22.88 -27.42
N PRO D 237 36.69 -22.13 -28.01
CA PRO D 237 38.07 -22.13 -27.53
C PRO D 237 38.23 -21.36 -26.21
N SER D 238 37.17 -20.69 -25.75
N SER D 238 37.17 -20.69 -25.75
CA SER D 238 37.21 -20.01 -24.47
CA SER D 238 37.20 -20.00 -24.47
C SER D 238 36.09 -20.51 -23.57
C SER D 238 36.09 -20.50 -23.56
N PRO D 239 36.22 -21.71 -22.96
CA PRO D 239 35.14 -22.30 -22.18
C PRO D 239 34.83 -21.47 -20.94
N ARG D 240 33.54 -21.41 -20.56
CA ARG D 240 33.16 -20.70 -19.34
C ARG D 240 32.26 -21.64 -18.53
N GLU D 241 32.65 -21.86 -17.26
CA GLU D 241 31.86 -22.69 -16.37
C GLU D 241 30.51 -22.05 -16.02
N MET D 242 29.45 -22.90 -15.94
CA MET D 242 28.15 -22.39 -15.54
C MET D 242 28.03 -22.43 -14.01
N ILE D 243 28.42 -21.31 -13.38
CA ILE D 243 28.47 -21.13 -11.93
C ILE D 243 27.87 -19.75 -11.64
N ASN D 244 27.38 -19.60 -10.41
CA ASN D 244 26.96 -18.30 -9.91
C ASN D 244 25.91 -17.66 -10.83
N ASN D 245 24.97 -18.47 -11.29
CA ASN D 245 24.00 -18.00 -12.26
C ASN D 245 22.71 -17.53 -11.57
N PHE D 246 22.89 -16.60 -10.63
CA PHE D 246 21.82 -15.97 -9.90
C PHE D 246 22.01 -14.46 -10.03
N ARG D 247 20.91 -13.75 -10.02
CA ARG D 247 20.92 -12.29 -10.01
C ARG D 247 20.91 -11.81 -8.56
N GLN D 248 21.59 -10.68 -8.28
CA GLN D 248 21.47 -10.03 -6.97
C GLN D 248 20.03 -9.57 -6.71
N VAL D 249 19.70 -9.45 -5.43
CA VAL D 249 18.35 -8.96 -5.12
C VAL D 249 18.19 -7.49 -5.53
N GLN D 250 16.94 -7.12 -5.77
CA GLN D 250 16.56 -5.80 -6.35
C GLN D 250 15.88 -4.89 -5.33
N LYS D 251 15.85 -3.58 -5.66
CA LYS D 251 15.04 -2.68 -4.83
C LYS D 251 13.56 -3.08 -4.90
N PHE D 252 12.91 -2.81 -3.77
CA PHE D 252 11.47 -3.08 -3.67
C PHE D 252 10.57 -2.19 -4.53
N ASP D 253 10.95 -0.91 -4.80
CA ASP D 253 10.06 -0.09 -5.62
C ASP D 253 8.65 0.00 -5.01
N GLU D 254 8.56 0.10 -3.66
CA GLU D 254 7.31 0.29 -2.93
C GLU D 254 6.40 -0.95 -2.89
N ARG D 255 6.86 -2.09 -3.43
CA ARG D 255 6.11 -3.34 -3.28
C ARG D 255 6.13 -3.87 -1.84
N LEU D 256 5.02 -4.54 -1.45
CA LEU D 256 5.07 -5.46 -0.33
C LEU D 256 5.03 -6.90 -0.88
N VAL D 257 5.41 -7.83 -0.03
CA VAL D 257 5.32 -9.24 -0.31
C VAL D 257 4.23 -9.76 0.61
N TYR D 258 3.23 -10.41 0.05
CA TYR D 258 2.06 -10.90 0.76
C TYR D 258 2.27 -12.34 1.16
N THR D 259 1.83 -12.73 2.35
CA THR D 259 2.10 -14.08 2.81
C THR D 259 0.77 -14.76 3.12
N SER D 260 0.76 -16.07 2.97
CA SER D 260 -0.40 -16.89 3.29
C SER D 260 -0.36 -17.38 4.73
N PHE D 261 0.67 -16.96 5.45
CA PHE D 261 0.90 -17.37 6.84
C PHE D 261 1.19 -16.11 7.66
N SER D 262 0.99 -16.21 8.98
CA SER D 262 1.39 -15.19 9.97
C SER D 262 2.67 -15.64 10.68
N GLN D 263 2.63 -16.91 11.08
CA GLN D 263 3.77 -17.77 11.36
#